data_7VUG
#
_entry.id   7VUG
#
_cell.length_a   1.00
_cell.length_b   1.00
_cell.length_c   1.00
_cell.angle_alpha   90.00
_cell.angle_beta   90.00
_cell.angle_gamma   90.00
#
_symmetry.space_group_name_H-M   'P 1'
#
loop_
_entity.id
_entity.type
_entity.pdbx_description
1 polymer 'Guanine nucleotide-binding protein G(i) subunit alpha-1'
2 polymer 'Guanine nucleotide-binding protein G(I)/G(S)/G(T) subunit beta-1'
3 polymer 'Guanine nucleotide-binding protein G(I)/G(S)/G(O) subunit gamma-2'
4 polymer 'Chimera of Endo-1,4-beta-xylanase and Probable G-protein coupled receptor 139'
5 polymer scFv16
6 non-polymer 3-chloranyl-N-[2-oxidanylidene-2-[[(1S)-1-phenylethyl]amino]ethyl]benzamide
#
loop_
_entity_poly.entity_id
_entity_poly.type
_entity_poly.pdbx_seq_one_letter_code
_entity_poly.pdbx_strand_id
1 'polypeptide(L)'
;GCTLSAEDKAAVERSKMIDRNLREDGEKAAREVKLLLLGAGESGKSTIVKQMKIIHEAGYSEEECKQYKAVVYSNTIQSI
IAIIRAMGRLKIDFGDSARADDARQLFVLAGAAEEGFMTAELAGVIKRLWKDSGVQACFNRSREYQLNDSAAYYLNDLDR
IAQPNYIPTQQDVLRTRVKTTGIVETHFTFKDLHFKMFDVGGQRSERKKWIHCFEGVTAIIFCVALSDYDLVLAEDEEMN
RMHESMKLFDSICNNKWFTDTSIILFLNKKDLFEEKIKKSPLTICYPEYAGSNTYEEAAAYIQCQFEDLNKRKDTKEIYT
HFTCATDTKNVQFVFDAVTDVIIKNNLKDCGLF
;
A
2 'polypeptide(L)'
;IGRARGFSELDQLRQEAEQLKNQIRDARKACADATLSQITNNIDPVGRIQMRTRRTLRGHLAKIYAMHWGTDSRLLVSAS
QDGKLIIWDSYTTNKVHAIPLRSSWVMTCAYAPSGNYVACGGLDNICSIYNLKTREGNVRVSRELAGHTGYLSCCRFLDD
NQIVTSSGDTTCALWDIETGQQTTTFTGHTGDVMSLSLAPDTRLFVSGACDASAKLWDVREGMCRQTFTGHESDINAICF
FPNGNAFATGSDDATCRLFDLRADQELMTYSHDNIICGITSVSFSKSGRLLLAGYDDFNCNVWDALKADRAGVLAGHDNR
VSCLGVTDDGMAVATGSWDSFLKIWN
;
B
3 'polypeptide(L)' MASNNTASIAQARKLVEQLKMEANIDRIKVSKAAADLMAYCEAHAKEDPLLTPVPASENPFREKKFFCAIL C
4 'polypeptide(L)'
;HHHHHHHHHHDYKDDDDKENLYFQSGAPASTDYWQNWTFGGGIVNAVNGSGGNYSVNWSNTGNFVVGKGWTTGSPFRTIN
YNAGVWAPNGNGYLTLYGWTRSPLIEYYVVDSWGTYRPTGTYKGTVKSDGGTYDIYTTTRYNAPSIDGDDTTFTQYWSVR
QSKRPTGSNATITFTNHVNAWKSHGMNLGSNWAYQVMATEGYQSSGSSNVTVWEHTHAHLAANSSLSWWSPGSACGLGFV
PVVYYSLLLCLGLPANILTVIILSQLVARRQKSVYNYLLALAAADILVLFFIVFVDFLLEDFILNMQMPQVPDKIIEVLE
FSSIHTSIWITVPLTIDRYIAVCHPLKYHTVSYPARTRKVIVSVYITCFLTSIPYYWWPNIWTEDYISTSVHHVLIWIHC
FTVYLVPCSIFFILNSIIVYKLRRKSNFRLRGYSTGKTTAILFTITSIFATLWAPRIIMILYHLYGAPIQNRWLVHIMSD
IANMLALLNTAINFFLYCFISKRFRTMAAATLKAFFKCQKQPVQFYTNHNFSI
;
R
5 'polypeptide(L)'
;DVQLVESGGGLVQPGGSRKLSCSASGFAFSSFGMHWVRQAPEKGLEWVAYISSGSGTIYYADTVKGRFTISRDDPKNTLF
LQMTSLRSEDTAMYYCVRSIYYYGSSPFDFWGQGTTLTVSSGGGGSGGGGSGGGGSDIVMTQATSSVPVTPGESVSISCR
SSKSLLHSNGNTYLYWFLQRPGQSPQLLIYRMSNLASGVPDRFSGSGSGTAFTLTISRLEAEDVGVYYCMQHLEYPLTFG
AGTKLELKAAAHHHHHHHH
;
S
#
loop_
_chem_comp.id
_chem_comp.type
_chem_comp.name
_chem_comp.formula
7ZQ non-polymer 3-chloranyl-N-[2-oxidanylidene-2-[[(1S)-1-phenylethyl]amino]ethyl]benzamide 'C17 H17 Cl N2 O2'
#
# COMPACT_ATOMS: atom_id res chain seq x y z
N CYS A 2 24.08 -0.87 -13.34
CA CYS A 2 23.66 -1.32 -12.03
C CYS A 2 24.10 -0.35 -10.95
N THR A 3 25.42 -0.18 -10.80
CA THR A 3 26.01 0.70 -9.78
C THR A 3 25.50 0.34 -8.39
N LEU A 4 25.39 -0.95 -8.11
CA LEU A 4 24.93 -1.45 -6.83
C LEU A 4 25.88 -2.53 -6.33
N SER A 5 25.89 -2.73 -5.02
CA SER A 5 26.71 -3.77 -4.42
C SER A 5 25.93 -5.08 -4.37
N ALA A 6 26.57 -6.13 -3.87
CA ALA A 6 25.95 -7.44 -3.84
C ALA A 6 24.78 -7.48 -2.87
N GLU A 7 24.98 -6.98 -1.65
CA GLU A 7 23.87 -6.94 -0.70
C GLU A 7 22.78 -5.98 -1.15
N ASP A 8 23.15 -4.88 -1.81
CA ASP A 8 22.13 -3.97 -2.33
C ASP A 8 21.28 -4.66 -3.38
N LYS A 9 21.91 -5.42 -4.29
CA LYS A 9 21.15 -6.15 -5.29
C LYS A 9 20.27 -7.21 -4.65
N ALA A 10 20.78 -7.91 -3.66
CA ALA A 10 19.99 -8.93 -2.98
C ALA A 10 18.82 -8.31 -2.23
N ALA A 11 19.04 -7.13 -1.63
CA ALA A 11 17.95 -6.42 -0.96
C ALA A 11 16.88 -5.98 -1.95
N VAL A 12 17.30 -5.52 -3.14
CA VAL A 12 16.33 -5.15 -4.15
C VAL A 12 15.54 -6.39 -4.60
N GLU A 13 16.22 -7.53 -4.71
CA GLU A 13 15.53 -8.77 -5.08
C GLU A 13 14.52 -9.18 -4.01
N ARG A 14 14.90 -9.07 -2.74
CA ARG A 14 13.98 -9.40 -1.66
C ARG A 14 12.80 -8.42 -1.63
N SER A 15 13.05 -7.15 -1.92
CA SER A 15 11.96 -6.18 -2.00
C SER A 15 11.03 -6.50 -3.15
N LYS A 16 11.56 -6.94 -4.29
CA LYS A 16 10.71 -7.36 -5.39
C LYS A 16 9.87 -8.58 -5.02
N MET A 17 10.46 -9.53 -4.29
CA MET A 17 9.69 -10.67 -3.81
C MET A 17 8.58 -10.21 -2.87
N ILE A 18 8.86 -9.25 -2.00
CA ILE A 18 7.84 -8.72 -1.11
C ILE A 18 6.75 -8.03 -1.92
N ASP A 19 7.13 -7.35 -3.00
CA ASP A 19 6.15 -6.76 -3.90
C ASP A 19 5.25 -7.82 -4.50
N ARG A 20 5.83 -8.93 -4.94
CA ARG A 20 5.04 -10.01 -5.53
C ARG A 20 4.08 -10.60 -4.51
N ASN A 21 4.55 -10.82 -3.28
CA ASN A 21 3.69 -11.36 -2.24
C ASN A 21 2.58 -10.39 -1.88
N LEU A 22 2.89 -9.09 -1.83
CA LEU A 22 1.88 -8.09 -1.55
C LEU A 22 0.81 -8.05 -2.64
N ARG A 23 1.24 -8.11 -3.90
CA ARG A 23 0.30 -8.10 -5.01
C ARG A 23 -0.57 -9.36 -5.00
N GLU A 24 0.02 -10.52 -4.71
CA GLU A 24 -0.75 -11.74 -4.61
C GLU A 24 -1.78 -11.66 -3.48
N ASP A 25 -1.37 -11.14 -2.33
CA ASP A 25 -2.30 -11.01 -1.21
C ASP A 25 -3.42 -10.03 -1.52
N GLY A 26 -3.09 -8.93 -2.21
CA GLY A 26 -4.12 -7.98 -2.61
C GLY A 26 -5.10 -8.60 -3.58
N GLU A 27 -4.60 -9.41 -4.51
CA GLU A 27 -5.50 -10.14 -5.41
C GLU A 27 -6.40 -11.10 -4.64
N LYS A 28 -5.83 -11.80 -3.66
CA LYS A 28 -6.65 -12.69 -2.83
C LYS A 28 -7.73 -11.91 -2.11
N ALA A 29 -7.40 -10.74 -1.57
CA ALA A 29 -8.38 -9.94 -0.84
C ALA A 29 -9.41 -9.33 -1.79
N ALA A 30 -9.07 -9.14 -3.06
CA ALA A 30 -10.02 -8.60 -4.02
C ALA A 30 -11.19 -9.56 -4.27
N ARG A 31 -10.97 -10.86 -4.10
CA ARG A 31 -12.04 -11.84 -4.26
C ARG A 31 -12.93 -11.95 -3.03
N GLU A 32 -12.59 -11.27 -1.95
CA GLU A 32 -13.28 -11.41 -0.67
C GLU A 32 -14.31 -10.30 -0.53
N VAL A 33 -15.53 -10.67 -0.15
CA VAL A 33 -16.63 -9.72 0.00
C VAL A 33 -16.69 -9.31 1.46
N LYS A 34 -16.51 -8.02 1.72
CA LYS A 34 -16.57 -7.47 3.06
C LYS A 34 -17.98 -7.00 3.36
N LEU A 35 -18.50 -7.38 4.52
CA LEU A 35 -19.86 -7.05 4.93
C LEU A 35 -19.82 -6.50 6.35
N LEU A 36 -19.95 -5.18 6.47
CA LEU A 36 -20.02 -4.58 7.80
C LEU A 36 -21.35 -4.95 8.46
N LEU A 37 -21.30 -5.16 9.77
CA LEU A 37 -22.47 -5.57 10.54
C LEU A 37 -22.84 -4.46 11.52
N LEU A 38 -24.09 -4.02 11.48
CA LEU A 38 -24.61 -3.02 12.40
C LEU A 38 -25.91 -3.52 13.01
N GLY A 39 -26.22 -2.98 14.20
CA GLY A 39 -27.40 -3.40 14.90
C GLY A 39 -27.95 -2.30 15.78
N ALA A 40 -29.09 -2.60 16.41
CA ALA A 40 -29.73 -1.69 17.34
C ALA A 40 -29.06 -1.81 18.72
N GLY A 41 -29.71 -1.26 19.74
CA GLY A 41 -29.17 -1.39 21.08
C GLY A 41 -29.03 -2.83 21.53
N GLU A 42 -30.03 -3.66 21.21
CA GLU A 42 -29.95 -5.08 21.51
C GLU A 42 -28.97 -5.75 20.55
N SER A 43 -28.24 -6.75 21.05
CA SER A 43 -27.23 -7.45 20.25
C SER A 43 -27.89 -8.59 19.46
N GLY A 44 -28.74 -8.18 18.52
CA GLY A 44 -29.35 -9.14 17.62
C GLY A 44 -28.43 -9.69 16.56
N LYS A 45 -27.33 -8.98 16.29
CA LYS A 45 -26.36 -9.48 15.32
C LYS A 45 -25.75 -10.80 15.77
N SER A 46 -25.35 -10.89 17.04
CA SER A 46 -24.83 -12.15 17.57
C SER A 46 -25.89 -13.23 17.55
N THR A 47 -27.13 -12.88 17.91
CA THR A 47 -28.21 -13.86 17.92
C THR A 47 -28.46 -14.43 16.52
N ILE A 48 -28.46 -13.56 15.50
CA ILE A 48 -28.70 -14.05 14.15
C ILE A 48 -27.51 -14.84 13.64
N VAL A 49 -26.29 -14.39 13.93
CA VAL A 49 -25.11 -15.07 13.40
C VAL A 49 -24.89 -16.41 14.09
N LYS A 50 -25.47 -16.60 15.28
CA LYS A 50 -25.46 -17.93 15.89
C LYS A 50 -26.16 -18.94 14.98
N GLN A 51 -27.25 -18.53 14.34
CA GLN A 51 -27.97 -19.43 13.43
C GLN A 51 -27.11 -19.79 12.22
N MET A 52 -26.41 -18.82 11.64
CA MET A 52 -25.56 -19.12 10.49
C MET A 52 -24.34 -19.93 10.89
N LYS A 53 -23.79 -19.67 12.08
CA LYS A 53 -22.61 -20.37 12.58
C LYS A 53 -21.42 -20.22 11.62
N THR A 181 -13.64 -7.80 23.68
CA THR A 181 -12.88 -7.13 22.64
C THR A 181 -13.74 -6.16 21.85
N GLY A 182 -13.25 -5.73 20.69
CA GLY A 182 -13.95 -4.77 19.87
C GLY A 182 -14.50 -5.37 18.60
N ILE A 183 -13.80 -5.14 17.47
CA ILE A 183 -14.25 -5.68 16.21
C ILE A 183 -14.02 -7.18 16.19
N VAL A 184 -15.03 -7.92 15.72
CA VAL A 184 -14.93 -9.37 15.59
C VAL A 184 -15.29 -9.76 14.17
N GLU A 185 -14.63 -10.80 13.67
CA GLU A 185 -14.75 -11.23 12.30
C GLU A 185 -15.38 -12.63 12.24
N THR A 186 -16.13 -12.87 11.18
CA THR A 186 -16.76 -14.18 10.95
C THR A 186 -16.55 -14.53 9.48
N HIS A 187 -15.53 -15.35 9.21
CA HIS A 187 -15.22 -15.80 7.86
C HIS A 187 -16.04 -17.03 7.53
N PHE A 188 -16.70 -17.00 6.37
CA PHE A 188 -17.39 -18.18 5.88
C PHE A 188 -17.52 -18.10 4.38
N THR A 189 -17.59 -19.27 3.74
CA THR A 189 -17.72 -19.38 2.30
C THR A 189 -19.06 -20.00 1.96
N PHE A 190 -19.76 -19.40 1.01
CA PHE A 190 -21.06 -19.90 0.56
C PHE A 190 -21.10 -19.88 -0.96
N LYS A 191 -21.26 -21.06 -1.55
CA LYS A 191 -21.33 -21.21 -3.01
C LYS A 191 -20.13 -20.56 -3.68
N ASP A 192 -18.94 -20.91 -3.20
CA ASP A 192 -17.66 -20.45 -3.77
C ASP A 192 -17.56 -18.93 -3.74
N LEU A 193 -17.62 -18.39 -2.52
CA LEU A 193 -17.42 -16.95 -2.33
C LEU A 193 -17.01 -16.73 -0.89
N HIS A 194 -15.78 -16.25 -0.68
CA HIS A 194 -15.29 -15.96 0.66
C HIS A 194 -15.93 -14.68 1.18
N PHE A 195 -16.48 -14.76 2.39
CA PHE A 195 -17.21 -13.66 3.01
C PHE A 195 -16.48 -13.14 4.24
N LYS A 196 -16.59 -11.84 4.46
CA LYS A 196 -16.05 -11.17 5.63
C LYS A 196 -17.19 -10.42 6.31
N MET A 197 -17.33 -10.60 7.62
CA MET A 197 -18.33 -9.89 8.39
C MET A 197 -17.65 -9.22 9.57
N PHE A 198 -17.83 -7.91 9.69
CA PHE A 198 -17.16 -7.11 10.71
C PHE A 198 -18.22 -6.59 11.69
N ASP A 199 -18.43 -7.34 12.77
CA ASP A 199 -19.33 -6.93 13.83
C ASP A 199 -18.59 -5.97 14.74
N VAL A 200 -19.02 -4.70 14.75
CA VAL A 200 -18.31 -3.66 15.48
C VAL A 200 -19.27 -3.06 16.50
N GLY A 201 -20.23 -3.86 16.95
CA GLY A 201 -21.18 -3.41 17.95
C GLY A 201 -20.64 -3.31 19.34
N GLY A 202 -19.44 -3.82 19.60
CA GLY A 202 -18.81 -3.73 20.89
C GLY A 202 -17.74 -2.67 21.02
N GLN A 203 -17.65 -1.74 20.06
CA GLN A 203 -16.64 -0.70 20.12
C GLN A 203 -16.86 0.22 21.31
N ARG A 204 -18.12 0.61 21.56
CA ARG A 204 -18.48 1.48 22.69
C ARG A 204 -17.67 2.77 22.66
N SER A 205 -17.51 3.34 21.47
CA SER A 205 -16.78 4.58 21.27
C SER A 205 -17.57 5.45 20.31
N GLU A 206 -16.95 6.54 19.87
CA GLU A 206 -17.61 7.44 18.91
C GLU A 206 -17.42 6.88 17.51
N ARG A 207 -18.54 6.67 16.81
CA ARG A 207 -18.51 6.02 15.50
C ARG A 207 -17.83 6.86 14.43
N LYS A 208 -17.73 8.17 14.63
CA LYS A 208 -17.20 9.05 13.59
C LYS A 208 -15.73 8.74 13.32
N LYS A 209 -14.95 8.49 14.37
CA LYS A 209 -13.51 8.39 14.21
C LYS A 209 -13.08 7.11 13.53
N TRP A 210 -13.96 6.11 13.43
CA TRP A 210 -13.59 4.84 12.82
C TRP A 210 -14.58 4.35 11.76
N ILE A 211 -15.63 5.10 11.46
CA ILE A 211 -16.51 4.67 10.37
C ILE A 211 -15.86 4.90 9.02
N HIS A 212 -14.85 5.78 8.95
CA HIS A 212 -14.22 6.10 7.68
C HIS A 212 -13.29 5.01 7.19
N CYS A 213 -12.87 4.10 8.07
CA CYS A 213 -12.03 2.99 7.64
C CYS A 213 -12.83 1.88 6.98
N PHE A 214 -14.16 2.00 6.96
CA PHE A 214 -15.03 0.95 6.46
C PHE A 214 -15.64 1.28 5.11
N GLU A 215 -15.14 2.30 4.41
CA GLU A 215 -15.59 2.48 3.05
C GLU A 215 -14.85 1.51 2.13
N GLY A 216 -15.54 1.08 1.08
CA GLY A 216 -15.11 -0.03 0.28
C GLY A 216 -15.73 -1.36 0.67
N VAL A 217 -16.44 -1.40 1.81
CA VAL A 217 -17.21 -2.58 2.17
C VAL A 217 -18.30 -2.81 1.13
N THR A 218 -18.44 -4.06 0.70
CA THR A 218 -19.35 -4.38 -0.38
C THR A 218 -20.79 -4.06 -0.02
N ALA A 219 -21.21 -4.43 1.19
CA ALA A 219 -22.57 -4.16 1.64
C ALA A 219 -22.59 -4.06 3.14
N ILE A 220 -23.50 -3.25 3.66
CA ILE A 220 -23.65 -3.01 5.09
C ILE A 220 -24.90 -3.74 5.56
N ILE A 221 -24.73 -4.61 6.54
CA ILE A 221 -25.83 -5.40 7.08
C ILE A 221 -26.37 -4.72 8.33
N PHE A 222 -27.67 -4.49 8.36
CA PHE A 222 -28.31 -3.75 9.44
C PHE A 222 -29.51 -4.55 9.92
N CYS A 223 -29.61 -4.78 11.23
CA CYS A 223 -30.69 -5.55 11.82
C CYS A 223 -31.55 -4.68 12.71
N VAL A 224 -32.87 -4.85 12.60
CA VAL A 224 -33.85 -4.10 13.38
C VAL A 224 -34.78 -5.10 14.04
N ALA A 225 -34.90 -5.02 15.36
CA ALA A 225 -35.80 -5.90 16.09
C ALA A 225 -37.23 -5.42 15.92
N LEU A 226 -37.98 -6.11 15.06
CA LEU A 226 -39.34 -5.67 14.75
C LEU A 226 -40.22 -5.67 15.99
N SER A 227 -39.92 -6.50 16.97
CA SER A 227 -40.68 -6.55 18.21
C SER A 227 -40.24 -5.51 19.22
N ASP A 228 -39.21 -4.73 18.89
CA ASP A 228 -38.64 -3.77 19.82
C ASP A 228 -39.17 -2.35 19.53
N TYR A 229 -40.47 -2.16 19.75
CA TYR A 229 -41.05 -0.82 19.60
C TYR A 229 -41.82 -0.40 20.84
N ASP A 230 -42.48 -1.34 21.50
CA ASP A 230 -43.23 -1.00 22.70
C ASP A 230 -42.31 -0.91 23.91
N LEU A 231 -41.24 -0.12 23.79
CA LEU A 231 -40.27 0.04 24.87
C LEU A 231 -39.98 1.51 25.12
N MET A 239 -36.67 8.72 23.81
CA MET A 239 -36.75 8.23 22.44
C MET A 239 -36.85 6.71 22.43
N ASN A 240 -37.70 6.17 21.54
CA ASN A 240 -37.92 4.74 21.48
C ASN A 240 -36.80 4.05 20.71
N ARG A 241 -36.80 2.72 20.81
CA ARG A 241 -35.68 1.95 20.27
C ARG A 241 -35.71 1.86 18.75
N MET A 242 -36.89 1.77 18.13
CA MET A 242 -36.90 1.90 16.67
C MET A 242 -36.45 3.28 16.24
N HIS A 243 -36.72 4.31 17.04
CA HIS A 243 -36.24 5.64 16.68
C HIS A 243 -34.73 5.72 16.78
N GLU A 244 -34.13 5.05 17.79
CA GLU A 244 -32.68 4.95 17.84
C GLU A 244 -32.14 4.19 16.63
N SER A 245 -32.83 3.11 16.25
CA SER A 245 -32.41 2.35 15.07
C SER A 245 -32.49 3.19 13.81
N MET A 246 -33.55 3.99 13.67
CA MET A 246 -33.67 4.89 12.54
C MET A 246 -32.59 5.96 12.55
N LYS A 247 -32.24 6.46 13.74
CA LYS A 247 -31.17 7.44 13.83
C LYS A 247 -29.86 6.85 13.33
N LEU A 248 -29.55 5.63 13.77
CA LEU A 248 -28.28 5.03 13.36
C LEU A 248 -28.32 4.65 11.87
N PHE A 249 -29.48 4.21 11.39
CA PHE A 249 -29.64 3.90 9.98
C PHE A 249 -29.46 5.14 9.13
N ASP A 250 -30.02 6.27 9.56
CA ASP A 250 -29.83 7.53 8.86
C ASP A 250 -28.36 7.93 8.85
N SER A 251 -27.69 7.83 10.02
CA SER A 251 -26.29 8.22 10.10
C SER A 251 -25.39 7.33 9.26
N ILE A 252 -25.79 6.09 9.01
CA ILE A 252 -24.97 5.19 8.18
C ILE A 252 -25.29 5.35 6.70
N CYS A 253 -26.56 5.35 6.33
CA CYS A 253 -26.94 5.47 4.93
C CYS A 253 -26.55 6.83 4.36
N ASN A 254 -26.76 7.90 5.13
CA ASN A 254 -26.49 9.25 4.67
C ASN A 254 -25.08 9.71 5.00
N ASN A 255 -24.24 8.83 5.56
CA ASN A 255 -22.85 9.18 5.82
C ASN A 255 -22.12 9.47 4.52
N LYS A 256 -21.19 10.42 4.58
CA LYS A 256 -20.46 10.82 3.39
C LYS A 256 -19.53 9.74 2.87
N TRP A 257 -19.29 8.68 3.65
CA TRP A 257 -18.41 7.60 3.22
C TRP A 257 -19.14 6.52 2.42
N PHE A 258 -20.44 6.36 2.65
CA PHE A 258 -21.19 5.22 2.15
C PHE A 258 -22.23 5.64 1.12
N THR A 259 -21.87 6.58 0.24
CA THR A 259 -22.79 7.00 -0.81
C THR A 259 -23.02 5.88 -1.81
N ASP A 260 -21.98 5.13 -2.15
CA ASP A 260 -22.07 4.07 -3.15
C ASP A 260 -22.16 2.68 -2.53
N THR A 261 -22.37 2.58 -1.22
CA THR A 261 -22.40 1.31 -0.52
C THR A 261 -23.84 0.90 -0.24
N SER A 262 -24.21 -0.29 -0.71
CA SER A 262 -25.56 -0.80 -0.48
C SER A 262 -25.72 -1.26 0.96
N ILE A 263 -26.98 -1.33 1.40
CA ILE A 263 -27.31 -1.74 2.75
C ILE A 263 -28.28 -2.92 2.68
N ILE A 264 -27.94 -4.00 3.36
CA ILE A 264 -28.79 -5.20 3.41
C ILE A 264 -29.54 -5.12 4.73
N LEU A 265 -30.73 -4.52 4.69
CA LEU A 265 -31.53 -4.32 5.88
C LEU A 265 -32.19 -5.62 6.30
N PHE A 266 -32.11 -5.94 7.59
CA PHE A 266 -32.74 -7.12 8.16
C PHE A 266 -33.75 -6.68 9.20
N LEU A 267 -34.98 -7.18 9.09
CA LEU A 267 -36.04 -6.90 10.04
C LEU A 267 -36.40 -8.22 10.71
N ASN A 268 -35.68 -8.55 11.77
CA ASN A 268 -35.84 -9.84 12.43
C ASN A 268 -36.98 -9.77 13.46
N LYS A 269 -37.17 -10.87 14.19
CA LYS A 269 -38.25 -10.99 15.17
C LYS A 269 -39.62 -10.80 14.54
N LYS A 270 -39.80 -11.34 13.34
CA LYS A 270 -41.05 -11.13 12.62
C LYS A 270 -42.22 -11.79 13.34
N ASP A 271 -42.00 -12.98 13.90
CA ASP A 271 -43.06 -13.65 14.65
C ASP A 271 -43.45 -12.85 15.88
N LEU A 272 -42.46 -12.32 16.60
CA LEU A 272 -42.76 -11.56 17.80
C LEU A 272 -43.45 -10.24 17.48
N PHE A 273 -43.11 -9.62 16.35
CA PHE A 273 -43.83 -8.42 15.92
C PHE A 273 -45.27 -8.75 15.53
N GLU A 274 -45.47 -9.84 14.80
CA GLU A 274 -46.83 -10.29 14.49
C GLU A 274 -47.59 -10.63 15.76
N GLU A 275 -46.84 -11.08 16.77
CA GLU A 275 -47.38 -11.45 18.10
C GLU A 275 -47.85 -10.24 18.90
N LYS A 276 -47.06 -9.18 18.95
CA LYS A 276 -47.41 -8.00 19.79
C LYS A 276 -48.01 -6.87 18.95
N ILE A 277 -48.18 -7.09 17.64
CA ILE A 277 -48.75 -6.00 16.79
C ILE A 277 -50.19 -5.67 17.21
N LYS A 278 -51.00 -6.70 17.46
CA LYS A 278 -52.43 -6.46 17.81
C LYS A 278 -52.58 -5.74 19.16
N LYS A 279 -51.87 -6.20 20.19
CA LYS A 279 -51.97 -5.61 21.55
C LYS A 279 -51.40 -4.19 21.60
N SER A 280 -50.27 -3.97 20.94
CA SER A 280 -49.59 -2.68 20.95
C SER A 280 -49.84 -1.96 19.63
N PRO A 281 -50.59 -0.86 19.62
CA PRO A 281 -50.81 -0.13 18.37
C PRO A 281 -49.50 0.44 17.83
N LEU A 282 -49.43 0.56 16.51
CA LEU A 282 -48.23 1.11 15.88
C LEU A 282 -48.10 2.61 16.09
N THR A 283 -49.16 3.29 16.54
CA THR A 283 -49.07 4.71 16.85
C THR A 283 -48.11 4.98 18.00
N ILE A 284 -47.82 3.98 18.83
CA ILE A 284 -46.85 4.14 19.91
C ILE A 284 -45.48 4.49 19.37
N CYS A 285 -45.18 4.12 18.13
CA CYS A 285 -43.96 4.55 17.46
C CYS A 285 -44.20 5.21 16.12
N TYR A 286 -45.38 5.06 15.52
CA TYR A 286 -45.72 5.68 14.23
C TYR A 286 -47.00 6.50 14.39
N PRO A 287 -46.90 7.75 14.83
CA PRO A 287 -48.10 8.59 14.92
C PRO A 287 -48.79 8.80 13.58
N GLU A 288 -48.05 8.70 12.47
CA GLU A 288 -48.63 8.89 11.15
C GLU A 288 -49.27 7.62 10.59
N TYR A 289 -49.12 6.48 11.25
CA TYR A 289 -49.66 5.23 10.74
C TYR A 289 -51.13 5.10 11.11
N ALA A 290 -51.98 4.97 10.10
CA ALA A 290 -53.42 4.87 10.31
C ALA A 290 -54.01 3.58 9.73
N GLY A 291 -53.19 2.71 9.18
CA GLY A 291 -53.68 1.45 8.64
C GLY A 291 -54.04 0.48 9.74
N SER A 292 -54.56 -0.67 9.31
CA SER A 292 -54.97 -1.71 10.24
C SER A 292 -53.76 -2.31 10.96
N ASN A 293 -54.00 -2.82 12.16
CA ASN A 293 -52.96 -3.46 12.95
C ASN A 293 -52.80 -4.93 12.59
N THR A 294 -52.60 -5.21 11.31
CA THR A 294 -52.39 -6.56 10.80
C THR A 294 -51.00 -6.65 10.18
N TYR A 295 -50.40 -7.85 10.27
CA TYR A 295 -48.98 -8.01 9.96
C TYR A 295 -48.65 -7.65 8.51
N GLU A 296 -49.48 -8.11 7.57
CA GLU A 296 -49.13 -7.99 6.15
C GLU A 296 -48.91 -6.55 5.74
N GLU A 297 -49.59 -5.61 6.38
CA GLU A 297 -49.42 -4.19 6.13
C GLU A 297 -48.52 -3.52 7.15
N ALA A 298 -48.52 -4.01 8.39
CA ALA A 298 -47.72 -3.42 9.45
C ALA A 298 -46.23 -3.64 9.24
N ALA A 299 -45.86 -4.66 8.48
CA ALA A 299 -44.46 -4.84 8.11
C ALA A 299 -44.10 -4.00 6.90
N ALA A 300 -45.01 -3.87 5.95
CA ALA A 300 -44.74 -3.07 4.75
C ALA A 300 -44.56 -1.60 5.10
N TYR A 301 -45.35 -1.11 6.07
CA TYR A 301 -45.18 0.28 6.49
C TYR A 301 -43.80 0.53 7.08
N ILE A 302 -43.32 -0.39 7.91
CA ILE A 302 -41.99 -0.24 8.49
C ILE A 302 -40.91 -0.34 7.40
N GLN A 303 -41.10 -1.26 6.46
CA GLN A 303 -40.12 -1.42 5.39
C GLN A 303 -40.02 -0.16 4.55
N CYS A 304 -41.18 0.42 4.18
CA CYS A 304 -41.15 1.64 3.38
C CYS A 304 -40.64 2.82 4.20
N GLN A 305 -40.92 2.86 5.50
CA GLN A 305 -40.40 3.93 6.33
C GLN A 305 -38.88 3.90 6.40
N PHE A 306 -38.29 2.71 6.57
CA PHE A 306 -36.84 2.60 6.49
C PHE A 306 -36.34 2.96 5.09
N GLU A 307 -37.04 2.54 4.05
CA GLU A 307 -36.62 2.87 2.69
C GLU A 307 -36.73 4.36 2.40
N ASP A 308 -37.45 5.11 3.24
CA ASP A 308 -37.59 6.55 3.05
C ASP A 308 -36.57 7.35 3.86
N LEU A 309 -35.41 6.78 4.15
CA LEU A 309 -34.35 7.48 4.87
C LEU A 309 -33.09 7.72 4.06
N ASN A 310 -32.92 7.03 2.93
CA ASN A 310 -31.74 7.25 2.09
C ASN A 310 -32.02 8.39 1.12
N LYS A 311 -31.32 9.50 1.31
CA LYS A 311 -31.51 10.65 0.44
C LYS A 311 -30.92 10.43 -0.94
N ARG A 312 -30.10 9.40 -1.12
CA ARG A 312 -29.49 9.06 -2.40
C ARG A 312 -30.02 7.70 -2.82
N LYS A 313 -31.13 7.72 -3.56
CA LYS A 313 -31.79 6.50 -4.02
C LYS A 313 -31.23 5.99 -5.33
N ASP A 314 -30.23 6.66 -5.89
CA ASP A 314 -29.63 6.27 -7.17
C ASP A 314 -28.22 5.71 -7.01
N THR A 315 -27.40 6.31 -6.15
CA THR A 315 -26.04 5.82 -5.97
C THR A 315 -26.01 4.50 -5.21
N LYS A 316 -27.06 4.19 -4.45
CA LYS A 316 -27.12 2.98 -3.66
C LYS A 316 -28.56 2.50 -3.56
N GLU A 317 -28.73 1.24 -3.18
CA GLU A 317 -30.05 0.66 -3.02
C GLU A 317 -30.11 -0.13 -1.72
N ILE A 318 -31.33 -0.28 -1.20
CA ILE A 318 -31.58 -0.92 0.08
C ILE A 318 -32.32 -2.22 -0.16
N TYR A 319 -31.80 -3.31 0.41
CA TYR A 319 -32.42 -4.61 0.34
C TYR A 319 -33.04 -4.96 1.69
N THR A 320 -34.26 -5.48 1.68
CA THR A 320 -34.99 -5.77 2.89
C THR A 320 -35.41 -7.23 2.92
N HIS A 321 -35.32 -7.83 4.11
CA HIS A 321 -35.78 -9.21 4.31
C HIS A 321 -36.32 -9.33 5.74
N PHE A 322 -37.60 -9.65 5.86
CA PHE A 322 -38.22 -9.85 7.18
C PHE A 322 -37.82 -11.24 7.66
N THR A 323 -36.67 -11.30 8.32
CA THR A 323 -36.10 -12.57 8.77
C THR A 323 -36.81 -13.04 10.04
N CYS A 324 -36.37 -14.19 10.55
CA CYS A 324 -36.91 -14.75 11.78
C CYS A 324 -35.81 -15.54 12.48
N ALA A 325 -36.14 -16.05 13.67
CA ALA A 325 -35.19 -16.88 14.40
C ALA A 325 -34.98 -18.24 13.76
N THR A 326 -35.91 -18.68 12.92
CA THR A 326 -35.83 -19.97 12.24
C THR A 326 -35.85 -19.71 10.74
N ASP A 327 -34.67 -19.46 10.17
CA ASP A 327 -34.54 -19.22 8.73
C ASP A 327 -33.09 -19.44 8.35
N THR A 328 -32.85 -20.45 7.51
CA THR A 328 -31.52 -20.67 6.94
C THR A 328 -31.35 -19.99 5.59
N LYS A 329 -32.39 -19.33 5.08
CA LYS A 329 -32.36 -18.69 3.77
C LYS A 329 -31.77 -17.29 3.81
N ASN A 330 -31.43 -16.78 4.99
CA ASN A 330 -30.85 -15.45 5.09
C ASN A 330 -29.48 -15.40 4.42
N VAL A 331 -28.72 -16.50 4.50
CA VAL A 331 -27.45 -16.57 3.80
C VAL A 331 -27.68 -16.42 2.31
N GLN A 332 -28.71 -17.07 1.78
CA GLN A 332 -29.00 -16.95 0.36
C GLN A 332 -29.47 -15.55 -0.01
N PHE A 333 -30.24 -14.89 0.87
CA PHE A 333 -30.62 -13.51 0.60
C PHE A 333 -29.40 -12.61 0.53
N VAL A 334 -28.48 -12.76 1.48
CA VAL A 334 -27.25 -11.98 1.47
C VAL A 334 -26.43 -12.30 0.23
N PHE A 335 -26.41 -13.56 -0.17
CA PHE A 335 -25.67 -13.97 -1.36
C PHE A 335 -26.23 -13.32 -2.61
N ASP A 336 -27.56 -13.31 -2.75
CA ASP A 336 -28.18 -12.68 -3.90
C ASP A 336 -27.92 -11.18 -3.91
N ALA A 337 -28.03 -10.54 -2.75
CA ALA A 337 -27.76 -9.11 -2.68
C ALA A 337 -26.30 -8.81 -3.04
N VAL A 338 -25.38 -9.64 -2.58
CA VAL A 338 -23.97 -9.42 -2.87
C VAL A 338 -23.69 -9.63 -4.35
N THR A 339 -24.34 -10.62 -4.97
CA THR A 339 -24.19 -10.81 -6.40
C THR A 339 -24.71 -9.61 -7.17
N ASP A 340 -25.84 -9.05 -6.73
CA ASP A 340 -26.36 -7.85 -7.38
C ASP A 340 -25.38 -6.68 -7.22
N VAL A 341 -24.83 -6.51 -6.02
CA VAL A 341 -23.91 -5.39 -5.77
C VAL A 341 -22.65 -5.54 -6.62
N ILE A 342 -22.10 -6.75 -6.70
CA ILE A 342 -20.89 -6.93 -7.48
C ILE A 342 -21.20 -6.80 -8.97
N ILE A 343 -22.41 -7.15 -9.40
CA ILE A 343 -22.80 -6.90 -10.79
C ILE A 343 -22.80 -5.42 -11.08
N LYS A 344 -23.39 -4.62 -10.17
CA LYS A 344 -23.40 -3.18 -10.37
C LYS A 344 -21.98 -2.61 -10.36
N ASN A 345 -21.13 -3.11 -9.47
CA ASN A 345 -19.76 -2.63 -9.42
C ASN A 345 -19.01 -2.96 -10.69
N ASN A 346 -19.21 -4.17 -11.23
CA ASN A 346 -18.59 -4.53 -12.50
C ASN A 346 -19.10 -3.67 -13.64
N LEU A 347 -20.41 -3.37 -13.64
CA LEU A 347 -20.96 -2.49 -14.67
C LEU A 347 -20.35 -1.10 -14.59
N LYS A 348 -20.20 -0.58 -13.37
CA LYS A 348 -19.57 0.73 -13.20
C LYS A 348 -18.11 0.70 -13.65
N ASP A 349 -17.40 -0.38 -13.35
CA ASP A 349 -16.01 -0.50 -13.79
C ASP A 349 -15.92 -0.54 -15.32
N CYS A 350 -16.81 -1.28 -15.96
CA CYS A 350 -16.81 -1.43 -17.41
C CYS A 350 -17.57 -0.31 -18.12
N GLY A 351 -18.16 0.62 -17.39
CA GLY A 351 -18.83 1.76 -17.99
C GLY A 351 -20.25 1.50 -18.43
N LEU A 352 -20.77 0.29 -18.26
CA LEU A 352 -22.14 0.00 -18.65
C LEU A 352 -23.16 0.67 -17.75
N PHE A 353 -22.74 1.21 -16.61
CA PHE A 353 -23.64 1.90 -15.70
C PHE A 353 -23.07 3.27 -15.32
N GLU B 9 -22.07 17.80 48.56
CA GLU B 9 -23.19 18.16 47.71
C GLU B 9 -22.75 18.34 46.26
N LEU B 10 -23.56 17.82 45.33
CA LEU B 10 -23.24 17.97 43.92
C LEU B 10 -23.23 19.43 43.50
N ASP B 11 -24.20 20.21 43.97
CA ASP B 11 -24.25 21.62 43.62
C ASP B 11 -23.03 22.37 44.14
N GLN B 12 -22.67 22.13 45.40
CA GLN B 12 -21.50 22.80 45.97
C GLN B 12 -20.23 22.38 45.25
N LEU B 13 -20.09 21.09 44.94
CA LEU B 13 -18.89 20.62 44.25
C LEU B 13 -18.79 21.20 42.85
N ARG B 14 -19.90 21.30 42.13
CA ARG B 14 -19.86 21.86 40.79
C ARG B 14 -19.60 23.36 40.83
N GLN B 15 -20.14 24.06 41.84
CA GLN B 15 -19.83 25.48 41.99
C GLN B 15 -18.36 25.69 42.29
N GLU B 16 -17.79 24.86 43.16
CA GLU B 16 -16.37 24.94 43.44
C GLU B 16 -15.53 24.66 42.20
N ALA B 17 -15.92 23.65 41.43
CA ALA B 17 -15.19 23.35 40.20
C ALA B 17 -15.24 24.51 39.23
N GLU B 18 -16.42 25.13 39.08
CA GLU B 18 -16.54 26.28 38.20
C GLU B 18 -15.68 27.45 38.67
N GLN B 19 -15.67 27.72 39.98
CA GLN B 19 -14.92 28.87 40.45
C GLN B 19 -13.41 28.62 40.44
N LEU B 20 -12.97 27.36 40.64
CA LEU B 20 -11.56 27.05 40.41
C LEU B 20 -11.19 27.16 38.94
N LYS B 21 -12.08 26.75 38.03
CA LYS B 21 -11.79 26.94 36.61
C LYS B 21 -11.66 28.42 36.27
N ASN B 22 -12.54 29.25 36.82
CA ASN B 22 -12.45 30.69 36.63
C ASN B 22 -11.16 31.25 37.22
N GLN B 23 -10.76 30.76 38.39
CA GLN B 23 -9.52 31.20 39.02
C GLN B 23 -8.30 30.82 38.17
N ILE B 24 -8.31 29.61 37.60
CA ILE B 24 -7.22 29.20 36.72
C ILE B 24 -7.17 30.06 35.47
N ARG B 25 -8.33 30.35 34.88
CA ARG B 25 -8.35 31.22 33.70
C ARG B 25 -7.85 32.61 34.04
N ASP B 26 -8.21 33.12 35.23
CA ASP B 26 -7.73 34.42 35.66
C ASP B 26 -6.21 34.41 35.86
N ALA B 27 -5.68 33.34 36.46
CA ALA B 27 -4.23 33.24 36.65
C ALA B 27 -3.51 33.17 35.31
N ARG B 28 -4.07 32.42 34.35
CA ARG B 28 -3.48 32.36 33.02
C ARG B 28 -3.50 33.73 32.35
N LYS B 29 -4.61 34.44 32.44
CA LYS B 29 -4.71 35.76 31.80
C LYS B 29 -3.78 36.76 32.45
N ALA B 30 -3.60 36.67 33.77
CA ALA B 30 -2.73 37.59 34.50
C ALA B 30 -1.25 37.39 34.17
N CYS B 31 -0.87 36.27 33.57
CA CYS B 31 0.51 36.00 33.20
C CYS B 31 0.69 36.04 31.68
N ALA B 32 -0.01 36.95 31.02
CA ALA B 32 0.15 37.19 29.59
C ALA B 32 0.52 38.65 29.39
N ASP B 33 1.79 38.91 29.09
CA ASP B 33 2.26 40.27 28.86
C ASP B 33 2.16 40.65 27.39
N ALA B 34 2.84 39.91 26.53
CA ALA B 34 2.81 40.16 25.10
C ALA B 34 2.64 38.84 24.37
N THR B 35 1.83 38.86 23.31
CA THR B 35 1.57 37.64 22.54
C THR B 35 2.82 37.23 21.75
N LEU B 36 2.80 35.97 21.30
CA LEU B 36 3.90 35.46 20.49
C LEU B 36 4.03 36.23 19.19
N SER B 37 2.91 36.64 18.58
CA SER B 37 2.98 37.40 17.35
C SER B 37 3.66 38.74 17.58
N GLN B 38 3.39 39.39 18.72
CA GLN B 38 4.01 40.66 19.03
C GLN B 38 5.49 40.50 19.36
N ILE B 39 5.84 39.43 20.09
CA ILE B 39 7.25 39.19 20.39
C ILE B 39 8.04 38.90 19.13
N THR B 40 7.46 38.11 18.22
CA THR B 40 8.12 37.75 16.97
C THR B 40 7.86 38.80 15.89
N ASN B 41 8.10 40.06 16.24
CA ASN B 41 8.14 41.14 15.27
C ASN B 41 9.59 41.38 14.85
N ASN B 42 9.75 42.14 13.76
CA ASN B 42 11.06 42.46 13.16
C ASN B 42 11.95 41.22 13.01
N ILE B 43 11.34 40.03 12.89
CA ILE B 43 12.06 38.79 12.63
C ILE B 43 11.81 38.40 11.18
N ASP B 44 12.87 37.99 10.50
CA ASP B 44 12.76 37.71 9.08
C ASP B 44 11.89 36.48 8.82
N PRO B 45 11.12 36.47 7.74
CA PRO B 45 10.28 35.30 7.45
C PRO B 45 11.09 34.14 6.90
N VAL B 46 10.52 32.96 7.05
CA VAL B 46 11.13 31.76 6.48
C VAL B 46 11.14 31.84 4.96
N GLY B 47 10.04 32.34 4.38
CA GLY B 47 9.92 32.38 2.94
C GLY B 47 9.33 31.10 2.38
N ARG B 48 9.33 31.03 1.06
CA ARG B 48 8.80 29.85 0.39
C ARG B 48 9.67 28.64 0.70
N ILE B 49 9.03 27.49 0.88
CA ILE B 49 9.71 26.22 1.08
C ILE B 49 9.35 25.31 -0.08
N GLN B 50 10.29 25.11 -0.99
CA GLN B 50 10.05 24.34 -2.20
C GLN B 50 10.54 22.90 -2.01
N MET B 51 9.84 22.18 -1.14
CA MET B 51 10.11 20.76 -0.97
C MET B 51 9.69 20.01 -2.22
N ARG B 52 10.44 18.95 -2.54
CA ARG B 52 10.18 18.15 -3.72
C ARG B 52 10.08 16.68 -3.32
N THR B 53 9.23 15.95 -4.04
CA THR B 53 8.99 14.54 -3.74
C THR B 53 10.22 13.75 -4.16
N ARG B 54 11.13 13.53 -3.21
CA ARG B 54 12.34 12.79 -3.53
C ARG B 54 12.06 11.30 -3.73
N ARG B 55 11.26 10.71 -2.85
CA ARG B 55 10.94 9.30 -2.91
C ARG B 55 9.45 9.11 -2.79
N THR B 56 8.91 8.17 -3.58
CA THR B 56 7.52 7.75 -3.48
C THR B 56 7.51 6.26 -3.15
N LEU B 57 6.93 5.92 -2.00
CA LEU B 57 6.93 4.54 -1.51
C LEU B 57 5.62 3.89 -1.95
N ARG B 58 5.62 3.39 -3.19
CA ARG B 58 4.41 2.88 -3.83
C ARG B 58 4.38 1.35 -3.73
N GLY B 59 4.04 0.87 -2.54
CA GLY B 59 3.90 -0.56 -2.34
C GLY B 59 2.56 -1.00 -1.78
N HIS B 60 1.87 -0.12 -1.08
CA HIS B 60 0.66 -0.48 -0.36
C HIS B 60 -0.51 -0.63 -1.32
N LEU B 61 -1.60 -1.21 -0.82
CA LEU B 61 -2.82 -1.39 -1.59
C LEU B 61 -4.06 -0.88 -0.85
N ALA B 62 -3.87 -0.09 0.20
CA ALA B 62 -4.99 0.45 0.97
C ALA B 62 -4.58 1.79 1.55
N LYS B 63 -5.41 2.34 2.43
CA LYS B 63 -5.17 3.66 2.99
C LYS B 63 -4.05 3.61 4.01
N ILE B 64 -3.03 4.44 3.81
CA ILE B 64 -2.00 4.59 4.82
C ILE B 64 -2.57 5.37 6.00
N TYR B 65 -2.64 4.72 7.16
CA TYR B 65 -3.23 5.35 8.33
C TYR B 65 -2.20 5.86 9.32
N ALA B 66 -1.01 5.27 9.35
CA ALA B 66 0.00 5.69 10.30
C ALA B 66 1.39 5.47 9.73
N MET B 67 2.34 6.28 10.18
CA MET B 67 3.74 6.15 9.82
C MET B 67 4.58 6.49 11.03
N HIS B 68 5.80 5.95 11.06
CA HIS B 68 6.76 6.34 12.07
C HIS B 68 8.16 6.14 11.52
N TRP B 69 9.06 7.03 11.95
CA TRP B 69 10.45 7.01 11.52
C TRP B 69 11.31 6.28 12.53
N GLY B 70 12.37 5.66 12.04
CA GLY B 70 13.38 5.13 12.92
C GLY B 70 14.31 6.22 13.41
N THR B 71 15.03 5.91 14.49
CA THR B 71 16.00 6.85 15.01
C THR B 71 17.14 7.09 14.01
N ASP B 72 17.39 6.11 13.14
CA ASP B 72 18.43 6.27 12.12
C ASP B 72 18.02 7.23 11.01
N SER B 73 16.76 7.66 10.99
CA SER B 73 16.23 8.56 9.96
C SER B 73 16.34 7.93 8.56
N ARG B 74 16.31 6.60 8.49
CA ARG B 74 16.36 5.89 7.22
C ARG B 74 15.34 4.77 7.13
N LEU B 75 14.85 4.22 8.24
CA LEU B 75 13.91 3.12 8.23
C LEU B 75 12.53 3.64 8.62
N LEU B 76 11.53 3.31 7.82
CA LEU B 76 10.15 3.72 8.04
C LEU B 76 9.29 2.53 8.40
N VAL B 77 8.13 2.81 8.98
CA VAL B 77 7.09 1.82 9.21
C VAL B 77 5.75 2.44 8.80
N SER B 78 4.97 1.69 8.03
CA SER B 78 3.67 2.15 7.56
C SER B 78 2.61 1.10 7.81
N ALA B 79 1.43 1.54 8.25
CA ALA B 79 0.32 0.66 8.53
C ALA B 79 -0.86 1.08 7.68
N SER B 80 -1.45 0.12 6.98
CA SER B 80 -2.59 0.38 6.10
C SER B 80 -3.76 -0.52 6.48
N GLN B 81 -4.92 -0.19 5.90
CA GLN B 81 -6.15 -0.91 6.23
C GLN B 81 -6.13 -2.36 5.77
N ASP B 82 -5.19 -2.75 4.93
CA ASP B 82 -4.99 -4.17 4.66
C ASP B 82 -4.18 -4.80 5.78
N GLY B 83 -4.09 -6.12 5.76
CA GLY B 83 -3.43 -6.82 6.86
C GLY B 83 -1.92 -6.76 6.77
N LYS B 84 -1.38 -5.69 6.21
CA LYS B 84 0.04 -5.56 5.94
C LYS B 84 0.61 -4.36 6.69
N LEU B 85 1.90 -4.46 7.03
CA LEU B 85 2.61 -3.41 7.73
C LEU B 85 4.04 -3.40 7.21
N ILE B 86 4.32 -2.50 6.28
CA ILE B 86 5.56 -2.51 5.53
C ILE B 86 6.60 -1.66 6.24
N ILE B 87 7.83 -2.16 6.28
CA ILE B 87 8.98 -1.44 6.81
C ILE B 87 9.88 -1.10 5.64
N TRP B 88 10.02 0.19 5.36
CA TRP B 88 10.72 0.66 4.17
C TRP B 88 12.15 1.07 4.49
N ASP B 89 12.93 1.25 3.42
CA ASP B 89 14.23 1.89 3.49
C ASP B 89 14.10 3.22 2.76
N SER B 90 14.20 4.32 3.51
CA SER B 90 13.90 5.63 2.95
C SER B 90 14.90 6.01 1.86
N TYR B 91 16.19 5.72 2.07
CA TYR B 91 17.20 6.17 1.12
C TYR B 91 17.02 5.51 -0.24
N THR B 92 17.15 4.18 -0.28
CA THR B 92 16.87 3.41 -1.47
C THR B 92 15.51 2.76 -1.31
N THR B 93 14.57 3.12 -2.18
CA THR B 93 13.20 2.64 -2.04
C THR B 93 13.18 1.11 -2.04
N ASN B 94 12.87 0.53 -0.89
CA ASN B 94 12.90 -0.91 -0.71
C ASN B 94 11.85 -1.29 0.32
N LYS B 95 11.72 -2.59 0.55
CA LYS B 95 10.81 -3.11 1.57
C LYS B 95 11.62 -4.06 2.45
N VAL B 96 11.98 -3.58 3.63
CA VAL B 96 12.74 -4.40 4.57
C VAL B 96 11.91 -5.56 5.08
N HIS B 97 10.65 -5.30 5.42
CA HIS B 97 9.75 -6.34 5.89
C HIS B 97 8.33 -6.03 5.44
N ALA B 98 7.52 -7.08 5.38
CA ALA B 98 6.08 -6.98 5.13
C ALA B 98 5.39 -7.80 6.21
N ILE B 99 5.07 -7.15 7.32
CA ILE B 99 4.56 -7.84 8.51
C ILE B 99 3.06 -8.09 8.32
N PRO B 100 2.61 -9.34 8.29
CA PRO B 100 1.17 -9.60 8.22
C PRO B 100 0.53 -9.38 9.58
N LEU B 101 -0.62 -8.71 9.58
CA LEU B 101 -1.32 -8.37 10.80
C LEU B 101 -2.51 -9.29 11.01
N ARG B 102 -2.74 -9.68 12.27
CA ARG B 102 -3.88 -10.52 12.59
C ARG B 102 -5.20 -9.78 12.48
N SER B 103 -5.17 -8.45 12.40
CA SER B 103 -6.37 -7.64 12.21
C SER B 103 -6.03 -6.52 11.25
N SER B 104 -6.65 -6.54 10.07
CA SER B 104 -6.35 -5.54 9.05
C SER B 104 -6.78 -4.14 9.46
N TRP B 105 -7.68 -4.01 10.42
CA TRP B 105 -8.18 -2.70 10.85
C TRP B 105 -7.21 -2.11 11.84
N VAL B 106 -6.29 -1.30 11.34
CA VAL B 106 -5.26 -0.67 12.17
C VAL B 106 -5.40 0.84 12.10
N MET B 107 -4.97 1.50 13.17
CA MET B 107 -5.06 2.94 13.29
C MET B 107 -3.75 3.59 13.70
N THR B 108 -2.73 2.81 14.07
CA THR B 108 -1.49 3.37 14.56
C THR B 108 -0.34 2.42 14.24
N CYS B 109 0.86 2.97 14.26
CA CYS B 109 2.08 2.18 14.15
C CYS B 109 3.21 2.96 14.80
N ALA B 110 4.07 2.25 15.53
CA ALA B 110 5.17 2.86 16.26
C ALA B 110 6.45 2.08 15.99
N TYR B 111 7.53 2.80 15.74
CA TYR B 111 8.84 2.20 15.53
C TYR B 111 9.67 2.45 16.79
N ALA B 112 10.18 1.39 17.39
CA ALA B 112 10.94 1.53 18.61
C ALA B 112 12.22 2.32 18.36
N PRO B 113 12.68 3.09 19.35
CA PRO B 113 13.91 3.86 19.15
C PRO B 113 15.12 3.00 18.87
N SER B 114 15.17 1.80 19.43
CA SER B 114 16.27 0.87 19.20
C SER B 114 16.16 0.12 17.88
N GLY B 115 15.00 0.15 17.23
CA GLY B 115 14.82 -0.56 15.97
C GLY B 115 14.52 -2.03 16.11
N ASN B 116 14.41 -2.53 17.34
CA ASN B 116 14.17 -3.96 17.54
C ASN B 116 12.70 -4.32 17.40
N TYR B 117 11.79 -3.41 17.74
CA TYR B 117 10.36 -3.72 17.80
C TYR B 117 9.56 -2.72 16.98
N VAL B 118 8.39 -3.17 16.54
CA VAL B 118 7.39 -2.32 15.89
C VAL B 118 6.04 -2.67 16.49
N ALA B 119 5.29 -1.65 16.90
CA ALA B 119 3.97 -1.84 17.48
C ALA B 119 2.90 -1.31 16.54
N CYS B 120 1.71 -1.91 16.63
CA CYS B 120 0.57 -1.49 15.84
C CYS B 120 -0.71 -1.79 16.61
N GLY B 121 -1.79 -1.14 16.19
CA GLY B 121 -3.06 -1.35 16.84
C GLY B 121 -4.17 -0.65 16.09
N GLY B 122 -5.39 -1.15 16.28
CA GLY B 122 -6.54 -0.59 15.61
C GLY B 122 -7.84 -0.86 16.34
N LEU B 123 -8.88 -1.23 15.59
CA LEU B 123 -10.19 -1.48 16.16
C LEU B 123 -10.23 -2.73 17.03
N ASP B 124 -9.19 -3.56 17.00
CA ASP B 124 -9.15 -4.76 17.84
C ASP B 124 -8.84 -4.45 19.30
N ASN B 125 -8.53 -3.20 19.63
CA ASN B 125 -8.15 -2.76 20.97
C ASN B 125 -6.88 -3.43 21.46
N ILE B 126 -6.03 -3.92 20.56
CA ILE B 126 -4.83 -4.66 20.90
C ILE B 126 -3.63 -3.94 20.34
N CYS B 127 -2.64 -3.69 21.19
CA CYS B 127 -1.36 -3.09 20.78
C CYS B 127 -0.40 -4.23 20.48
N SER B 128 -0.50 -4.80 19.29
CA SER B 128 0.35 -5.90 18.90
C SER B 128 1.78 -5.41 18.70
N ILE B 129 2.71 -5.96 19.45
CA ILE B 129 4.12 -5.57 19.40
C ILE B 129 4.91 -6.70 18.74
N TYR B 130 5.67 -6.34 17.71
CA TYR B 130 6.35 -7.30 16.86
C TYR B 130 7.86 -7.25 17.08
N ASN B 131 8.51 -8.38 16.88
CA ASN B 131 9.95 -8.52 17.09
C ASN B 131 10.63 -8.53 15.73
N LEU B 132 11.28 -7.42 15.38
CA LEU B 132 11.92 -7.30 14.08
C LEU B 132 13.18 -8.16 14.01
N LYS B 133 14.01 -8.12 15.04
CA LYS B 133 15.29 -8.82 15.07
C LYS B 133 15.14 -10.08 15.93
N THR B 134 15.09 -11.23 15.28
CA THR B 134 14.97 -12.51 15.96
C THR B 134 16.06 -13.45 15.46
N ARG B 135 16.24 -14.56 16.18
CA ARG B 135 17.19 -15.58 15.75
C ARG B 135 16.77 -16.20 14.42
N GLU B 136 15.48 -16.30 14.18
CA GLU B 136 14.96 -16.68 12.87
C GLU B 136 14.99 -15.46 11.96
N GLY B 137 14.36 -15.56 10.80
CA GLY B 137 14.35 -14.45 9.88
C GLY B 137 13.03 -13.70 9.86
N ASN B 138 11.95 -14.42 10.14
CA ASN B 138 10.64 -13.81 10.12
C ASN B 138 10.44 -12.89 11.32
N VAL B 139 9.45 -12.01 11.19
CA VAL B 139 9.03 -11.13 12.28
C VAL B 139 7.82 -11.76 12.96
N ARG B 140 7.87 -11.86 14.28
CA ARG B 140 6.85 -12.53 15.04
C ARG B 140 6.25 -11.58 16.08
N VAL B 141 5.02 -11.88 16.49
CA VAL B 141 4.34 -11.11 17.51
C VAL B 141 4.99 -11.40 18.85
N SER B 142 5.59 -10.38 19.46
CA SER B 142 6.18 -10.55 20.78
C SER B 142 5.10 -10.64 21.85
N ARG B 143 4.26 -9.61 21.93
CA ARG B 143 3.18 -9.57 22.91
C ARG B 143 1.93 -8.98 22.28
N GLU B 144 0.78 -9.47 22.72
CA GLU B 144 -0.51 -8.90 22.37
C GLU B 144 -1.05 -8.18 23.59
N LEU B 145 -1.02 -6.86 23.56
CA LEU B 145 -1.35 -6.03 24.73
C LEU B 145 -2.86 -5.82 24.76
N ALA B 146 -3.51 -6.40 25.78
CA ALA B 146 -4.95 -6.32 25.95
C ALA B 146 -5.28 -5.60 27.25
N GLY B 147 -6.41 -4.89 27.24
CA GLY B 147 -6.81 -4.12 28.40
C GLY B 147 -7.49 -2.82 28.05
N HIS B 148 -7.49 -2.45 26.78
CA HIS B 148 -8.23 -1.28 26.32
C HIS B 148 -9.61 -1.70 25.84
N THR B 149 -10.59 -0.83 26.12
CA THR B 149 -11.96 -1.07 25.69
C THR B 149 -12.22 -0.51 24.29
N GLY B 150 -11.75 0.71 24.03
CA GLY B 150 -11.91 1.32 22.72
C GLY B 150 -10.73 1.06 21.81
N TYR B 151 -10.85 1.54 20.58
CA TYR B 151 -9.82 1.33 19.59
C TYR B 151 -8.53 2.03 20.01
N LEU B 152 -7.41 1.52 19.51
CA LEU B 152 -6.09 2.06 19.85
C LEU B 152 -5.77 3.17 18.87
N SER B 153 -5.66 4.40 19.38
CA SER B 153 -5.44 5.55 18.51
C SER B 153 -3.97 5.73 18.16
N CYS B 154 -3.10 5.71 19.16
CA CYS B 154 -1.67 5.87 18.90
C CYS B 154 -0.89 5.22 20.03
N CYS B 155 0.32 4.76 19.69
CA CYS B 155 1.23 4.16 20.65
C CYS B 155 2.62 4.72 20.39
N ARG B 156 3.40 4.86 21.46
CA ARG B 156 4.76 5.37 21.37
C ARG B 156 5.66 4.59 22.33
N PHE B 157 6.84 4.24 21.85
CA PHE B 157 7.78 3.43 22.63
C PHE B 157 8.62 4.32 23.54
N LEU B 158 8.47 4.14 24.86
CA LEU B 158 9.38 4.80 25.78
C LEU B 158 10.78 4.20 25.68
N ASP B 159 10.86 2.89 25.73
CA ASP B 159 12.09 2.14 25.46
C ASP B 159 11.67 0.78 24.92
N ASP B 160 12.60 -0.18 24.91
CA ASP B 160 12.28 -1.51 24.43
C ASP B 160 11.33 -2.24 25.38
N ASN B 161 11.17 -1.77 26.60
CA ASN B 161 10.33 -2.44 27.60
C ASN B 161 9.00 -1.75 27.84
N GLN B 162 8.89 -0.45 27.58
CA GLN B 162 7.71 0.31 27.93
C GLN B 162 7.06 0.90 26.68
N ILE B 163 5.76 1.18 26.79
CA ILE B 163 5.01 1.79 25.72
C ILE B 163 3.76 2.43 26.32
N VAL B 164 3.45 3.64 25.85
CA VAL B 164 2.20 4.30 26.20
C VAL B 164 1.25 4.15 25.02
N THR B 165 -0.04 4.25 25.33
CA THR B 165 -1.08 4.02 24.35
C THR B 165 -2.22 5.01 24.54
N SER B 166 -2.78 5.48 23.44
CA SER B 166 -3.98 6.30 23.44
C SER B 166 -5.11 5.43 22.90
N SER B 167 -6.12 5.19 23.72
CA SER B 167 -7.17 4.24 23.39
C SER B 167 -8.40 4.97 22.86
N GLY B 168 -9.49 4.24 22.71
CA GLY B 168 -10.73 4.84 22.28
C GLY B 168 -11.52 5.36 23.47
N ASP B 169 -11.44 4.67 24.60
CA ASP B 169 -12.09 5.18 25.77
C ASP B 169 -11.31 6.37 26.32
N THR B 170 -11.86 7.04 27.33
CA THR B 170 -11.22 8.22 27.90
C THR B 170 -10.05 7.81 28.79
N THR B 171 -9.08 7.12 28.18
CA THR B 171 -8.03 6.48 28.96
C THR B 171 -6.79 6.29 28.12
N CYS B 172 -5.65 6.72 28.65
CA CYS B 172 -4.33 6.33 28.18
C CYS B 172 -3.73 5.33 29.15
N ALA B 173 -2.72 4.59 28.70
CA ALA B 173 -2.16 3.53 29.52
C ALA B 173 -0.67 3.40 29.27
N LEU B 174 0.08 3.15 30.35
CA LEU B 174 1.51 2.87 30.28
C LEU B 174 1.70 1.37 30.44
N TRP B 175 1.91 0.68 29.33
CA TRP B 175 2.12 -0.75 29.38
C TRP B 175 3.57 -1.07 29.68
N ASP B 176 3.81 -2.32 30.06
CA ASP B 176 5.14 -2.85 30.29
C ASP B 176 5.27 -4.14 29.50
N ILE B 177 6.11 -4.14 28.47
CA ILE B 177 6.36 -5.38 27.74
C ILE B 177 7.02 -6.38 28.70
N GLU B 178 6.96 -7.66 28.34
CA GLU B 178 7.38 -8.83 29.08
C GLU B 178 6.35 -9.21 30.14
N THR B 179 5.36 -8.36 30.42
CA THR B 179 4.23 -8.74 31.25
C THR B 179 3.03 -7.90 30.83
N GLY B 180 2.07 -8.52 30.17
CA GLY B 180 0.99 -7.83 29.49
C GLY B 180 0.25 -6.75 30.28
N GLN B 181 0.42 -6.75 31.59
CA GLN B 181 -0.27 -5.80 32.44
C GLN B 181 0.21 -4.38 32.16
N GLN B 182 -0.66 -3.41 32.44
CA GLN B 182 -0.34 -2.00 32.33
C GLN B 182 0.03 -1.46 33.70
N THR B 183 1.15 -0.73 33.77
CA THR B 183 1.63 -0.26 35.07
C THR B 183 0.79 0.91 35.58
N THR B 184 0.78 2.02 34.86
CA THR B 184 0.05 3.21 35.26
C THR B 184 -0.98 3.54 34.17
N THR B 185 -2.22 3.75 34.60
CA THR B 185 -3.32 4.04 33.69
C THR B 185 -3.76 5.48 33.88
N PHE B 186 -3.81 6.24 32.80
CA PHE B 186 -4.15 7.66 32.83
C PHE B 186 -5.62 7.83 32.48
N THR B 187 -6.42 8.26 33.44
CA THR B 187 -7.87 8.41 33.28
C THR B 187 -8.27 9.79 33.75
N GLY B 188 -8.23 10.76 32.84
CA GLY B 188 -8.65 12.11 33.15
C GLY B 188 -9.38 12.78 32.01
N HIS B 189 -9.57 12.06 30.92
CA HIS B 189 -10.14 12.61 29.69
C HIS B 189 -11.63 12.39 29.62
N THR B 190 -12.24 13.01 28.61
CA THR B 190 -13.62 12.76 28.24
C THR B 190 -13.66 12.59 26.72
N GLY B 191 -14.40 11.59 26.27
CA GLY B 191 -14.45 11.29 24.86
C GLY B 191 -13.19 10.56 24.41
N ASP B 192 -13.17 10.26 23.11
CA ASP B 192 -12.07 9.49 22.55
C ASP B 192 -10.75 10.25 22.73
N VAL B 193 -9.68 9.52 23.00
CA VAL B 193 -8.35 10.12 23.06
C VAL B 193 -7.58 9.72 21.80
N MET B 194 -7.26 10.72 20.99
CA MET B 194 -6.51 10.54 19.75
C MET B 194 -5.01 10.54 20.04
N SER B 195 -4.21 10.72 18.99
CA SER B 195 -2.77 10.50 19.07
C SER B 195 -2.14 11.30 20.21
N LEU B 196 -1.05 10.75 20.74
CA LEU B 196 -0.23 11.38 21.76
C LEU B 196 1.18 11.59 21.22
N SER B 197 1.98 12.36 21.98
CA SER B 197 3.35 12.64 21.60
C SER B 197 4.21 12.69 22.84
N LEU B 198 5.19 11.79 22.92
CA LEU B 198 6.11 11.75 24.05
C LEU B 198 7.07 12.94 24.02
N ALA B 199 7.61 13.24 25.18
CA ALA B 199 8.63 14.25 25.32
C ALA B 199 10.02 13.63 25.14
N PRO B 200 11.01 14.42 24.72
CA PRO B 200 12.38 13.88 24.62
C PRO B 200 12.92 13.32 25.92
N ASP B 201 12.62 13.95 27.05
CA ASP B 201 13.12 13.46 28.32
C ASP B 201 12.44 12.16 28.77
N THR B 202 11.38 11.75 28.08
CA THR B 202 10.68 10.49 28.36
C THR B 202 10.20 10.48 29.83
N ARG B 203 9.65 11.60 30.27
CA ARG B 203 9.01 11.69 31.57
C ARG B 203 7.62 12.32 31.52
N LEU B 204 7.30 13.06 30.48
CA LEU B 204 5.98 13.63 30.28
C LEU B 204 5.54 13.35 28.85
N PHE B 205 4.24 13.46 28.60
CA PHE B 205 3.73 13.33 27.25
C PHE B 205 2.35 13.97 27.15
N VAL B 206 2.12 14.64 26.06
CA VAL B 206 0.85 15.31 25.78
C VAL B 206 -0.07 14.34 25.05
N SER B 207 -1.36 14.51 25.27
CA SER B 207 -2.38 13.67 24.66
C SER B 207 -3.49 14.53 24.09
N GLY B 208 -4.01 14.13 22.94
CA GLY B 208 -5.11 14.83 22.29
C GLY B 208 -6.37 13.97 22.33
N ALA B 209 -7.46 14.58 22.73
CA ALA B 209 -8.73 13.90 22.87
C ALA B 209 -9.80 14.61 22.03
N CYS B 210 -10.99 14.02 22.01
CA CYS B 210 -12.12 14.58 21.30
C CYS B 210 -12.90 15.59 22.14
N ASP B 211 -12.51 15.80 23.40
CA ASP B 211 -13.12 16.83 24.23
C ASP B 211 -12.51 18.21 23.99
N ALA B 212 -11.74 18.38 22.92
CA ALA B 212 -11.06 19.64 22.62
C ALA B 212 -10.18 20.08 23.78
N SER B 213 -9.52 19.12 24.42
CA SER B 213 -8.68 19.41 25.58
C SER B 213 -7.49 18.47 25.57
N ALA B 214 -6.29 19.02 25.59
CA ALA B 214 -5.06 18.25 25.68
C ALA B 214 -4.51 18.31 27.10
N LYS B 215 -3.82 17.24 27.49
CA LYS B 215 -3.32 17.13 28.86
C LYS B 215 -1.88 16.64 28.86
N LEU B 216 -1.09 17.22 29.75
CA LEU B 216 0.31 16.82 29.95
C LEU B 216 0.36 15.89 31.16
N TRP B 217 0.74 14.64 30.92
CA TRP B 217 0.80 13.64 31.98
C TRP B 217 2.23 13.48 32.48
N ASP B 218 2.35 12.81 33.63
CA ASP B 218 3.64 12.42 34.20
C ASP B 218 3.68 10.91 34.24
N VAL B 219 4.51 10.30 33.39
CA VAL B 219 4.51 8.85 33.26
C VAL B 219 4.96 8.16 34.54
N ARG B 220 5.73 8.83 35.39
CA ARG B 220 6.19 8.22 36.63
C ARG B 220 5.12 8.28 37.71
N GLU B 221 4.66 9.49 38.05
CA GLU B 221 3.66 9.64 39.11
C GLU B 221 2.25 9.28 38.66
N GLY B 222 2.00 9.21 37.36
CA GLY B 222 0.72 8.76 36.86
C GLY B 222 -0.39 9.78 36.86
N MET B 223 -0.13 11.01 37.30
CA MET B 223 -1.15 12.03 37.40
C MET B 223 -1.08 12.97 36.20
N CYS B 224 -2.02 13.91 36.14
CA CYS B 224 -2.07 14.93 35.11
C CYS B 224 -1.59 16.25 35.68
N ARG B 225 -0.54 16.82 35.08
CA ARG B 225 0.05 18.03 35.62
C ARG B 225 -0.84 19.24 35.32
N GLN B 226 -1.16 19.46 34.04
CA GLN B 226 -1.93 20.62 33.65
C GLN B 226 -2.65 20.32 32.35
N THR B 227 -3.73 21.06 32.11
CA THR B 227 -4.60 20.84 30.97
C THR B 227 -4.60 22.07 30.07
N PHE B 228 -4.85 21.84 28.78
CA PHE B 228 -4.82 22.88 27.77
C PHE B 228 -6.11 22.88 27.00
N THR B 229 -6.77 24.03 26.94
CA THR B 229 -8.04 24.19 26.23
C THR B 229 -7.90 25.28 25.19
N GLY B 230 -9.01 25.53 24.47
CA GLY B 230 -9.02 26.57 23.46
C GLY B 230 -9.58 26.09 22.14
N HIS B 231 -9.36 24.81 21.83
CA HIS B 231 -9.85 24.26 20.58
C HIS B 231 -11.37 24.14 20.60
N GLU B 232 -11.97 24.24 19.42
CA GLU B 232 -13.42 24.20 19.30
C GLU B 232 -13.96 22.84 18.90
N SER B 233 -13.10 21.86 18.61
CA SER B 233 -13.56 20.55 18.19
C SER B 233 -12.49 19.54 18.55
N ASP B 234 -12.66 18.31 18.07
CA ASP B 234 -11.80 17.21 18.47
C ASP B 234 -10.37 17.42 17.98
N ILE B 235 -9.40 17.15 18.84
CA ILE B 235 -7.99 17.26 18.48
C ILE B 235 -7.55 15.94 17.85
N ASN B 236 -7.23 15.99 16.56
CA ASN B 236 -6.93 14.78 15.81
C ASN B 236 -5.46 14.41 15.81
N ALA B 237 -4.57 15.35 16.11
CA ALA B 237 -3.14 15.06 16.14
C ALA B 237 -2.47 16.03 17.08
N ILE B 238 -1.30 15.62 17.59
CA ILE B 238 -0.56 16.43 18.54
C ILE B 238 0.91 16.07 18.42
N CYS B 239 1.76 17.10 18.39
CA CYS B 239 3.20 16.92 18.30
C CYS B 239 3.87 17.80 19.33
N PHE B 240 5.05 17.41 19.75
CA PHE B 240 5.70 17.97 20.93
C PHE B 240 6.94 18.73 20.48
N PHE B 241 7.11 19.94 21.00
CA PHE B 241 8.21 20.79 20.58
C PHE B 241 9.54 20.14 20.96
N PRO B 242 10.58 20.28 20.14
CA PRO B 242 11.88 19.67 20.47
C PRO B 242 12.48 20.17 21.77
N ASN B 243 12.21 21.43 22.15
CA ASN B 243 12.77 21.95 23.39
C ASN B 243 12.26 21.19 24.59
N GLY B 244 10.99 20.77 24.55
CA GLY B 244 10.36 20.15 25.68
C GLY B 244 9.44 21.07 26.46
N ASN B 245 9.40 22.36 26.12
CA ASN B 245 8.58 23.34 26.80
C ASN B 245 7.53 23.93 25.87
N ALA B 246 7.00 23.12 24.96
CA ALA B 246 5.90 23.53 24.09
C ALA B 246 5.38 22.30 23.37
N PHE B 247 4.24 22.44 22.72
CA PHE B 247 3.67 21.41 21.87
C PHE B 247 2.55 22.03 21.07
N ALA B 248 2.24 21.41 19.93
CA ALA B 248 1.20 21.91 19.06
C ALA B 248 0.24 20.78 18.70
N THR B 249 -1.00 21.16 18.42
CA THR B 249 -2.09 20.22 18.18
C THR B 249 -2.65 20.43 16.78
N GLY B 250 -3.69 19.67 16.48
CA GLY B 250 -4.41 19.77 15.22
C GLY B 250 -5.80 19.23 15.37
N SER B 251 -6.80 19.97 14.87
CA SER B 251 -8.19 19.63 15.13
C SER B 251 -9.01 19.69 13.85
N ASP B 252 -10.20 19.14 13.92
CA ASP B 252 -11.17 19.27 12.85
C ASP B 252 -11.76 20.68 12.77
N ASP B 253 -11.29 21.59 13.61
CA ASP B 253 -11.66 23.00 13.55
C ASP B 253 -10.91 23.72 12.44
N ALA B 254 -10.16 23.00 11.60
CA ALA B 254 -9.35 23.58 10.54
C ALA B 254 -8.34 24.56 11.09
N THR B 255 -7.74 24.22 12.23
CA THR B 255 -6.78 25.11 12.87
C THR B 255 -5.82 24.29 13.72
N CYS B 256 -4.66 24.89 13.99
CA CYS B 256 -3.65 24.32 14.87
C CYS B 256 -3.25 25.38 15.89
N ARG B 257 -2.87 24.92 17.08
CA ARG B 257 -2.50 25.82 18.16
C ARG B 257 -1.23 25.32 18.82
N LEU B 258 -0.39 26.27 19.22
CA LEU B 258 0.87 25.99 19.92
C LEU B 258 0.71 26.38 21.37
N PHE B 259 0.85 25.42 22.27
CA PHE B 259 0.75 25.66 23.69
C PHE B 259 2.14 25.62 24.32
N ASP B 260 2.24 26.18 25.53
CA ASP B 260 3.48 26.20 26.28
C ASP B 260 3.24 25.70 27.69
N LEU B 261 4.08 24.75 28.11
CA LEU B 261 3.85 24.07 29.38
C LEU B 261 4.02 25.00 30.56
N ARG B 262 5.03 25.86 30.54
CA ARG B 262 5.30 26.74 31.67
C ARG B 262 4.43 27.99 31.65
N ALA B 263 3.67 28.22 30.59
CA ALA B 263 2.69 29.29 30.55
C ALA B 263 1.25 28.78 30.57
N ASP B 264 1.02 27.53 30.18
CA ASP B 264 -0.28 26.87 30.18
C ASP B 264 -1.28 27.51 29.23
N GLN B 265 -0.83 28.37 28.33
CA GLN B 265 -1.71 29.12 27.45
C GLN B 265 -1.59 28.60 26.02
N GLU B 266 -2.37 29.22 25.14
CA GLU B 266 -2.20 29.10 23.70
C GLU B 266 -1.41 30.32 23.25
N LEU B 267 -0.33 30.09 22.49
CA LEU B 267 0.56 31.18 22.16
C LEU B 267 0.17 31.90 20.88
N MET B 268 -0.11 31.17 19.80
CA MET B 268 -0.66 31.78 18.59
C MET B 268 -1.19 30.67 17.68
N THR B 269 -2.17 31.04 16.85
CA THR B 269 -3.08 30.09 16.22
C THR B 269 -2.77 29.97 14.73
N TYR B 270 -2.69 28.74 14.23
CA TYR B 270 -2.32 28.47 12.84
C TYR B 270 -3.57 28.25 12.00
N SER B 271 -4.33 29.33 11.81
CA SER B 271 -5.61 29.23 11.13
C SER B 271 -5.66 30.22 9.97
N HIS B 272 -5.93 29.70 8.78
CA HIS B 272 -6.14 30.52 7.59
C HIS B 272 -7.59 30.40 7.14
N ASP B 273 -8.14 31.51 6.65
CA ASP B 273 -9.54 31.53 6.23
C ASP B 273 -9.78 30.69 4.99
N ASN B 274 -8.73 30.30 4.27
CA ASN B 274 -8.87 29.54 3.05
C ASN B 274 -9.05 28.04 3.33
N ILE B 275 -8.84 27.60 4.57
CA ILE B 275 -8.89 26.19 4.92
C ILE B 275 -10.14 25.93 5.75
N ILE B 276 -10.81 24.82 5.44
CA ILE B 276 -12.02 24.43 6.16
C ILE B 276 -11.86 23.02 6.70
N CYS B 277 -11.04 22.21 6.02
CA CYS B 277 -10.85 20.84 6.45
C CYS B 277 -9.95 20.78 7.68
N GLY B 278 -10.08 19.69 8.43
CA GLY B 278 -9.33 19.53 9.66
C GLY B 278 -7.89 19.10 9.43
N ILE B 279 -7.21 18.83 10.53
CA ILE B 279 -5.80 18.43 10.53
C ILE B 279 -5.70 17.00 11.03
N THR B 280 -5.03 16.15 10.26
CA THR B 280 -4.85 14.76 10.64
C THR B 280 -3.45 14.45 11.19
N SER B 281 -2.48 15.31 10.93
CA SER B 281 -1.12 15.08 11.42
C SER B 281 -0.44 16.41 11.67
N VAL B 282 0.53 16.38 12.58
CA VAL B 282 1.29 17.57 12.94
C VAL B 282 2.69 17.12 13.35
N SER B 283 3.71 17.86 12.90
CA SER B 283 5.09 17.49 13.20
C SER B 283 5.96 18.72 13.10
N PHE B 284 6.53 19.15 14.21
CA PHE B 284 7.52 20.21 14.20
C PHE B 284 8.77 19.75 13.46
N SER B 285 9.37 20.66 12.68
CA SER B 285 10.69 20.40 12.14
C SER B 285 11.74 20.58 13.23
N LYS B 286 12.97 20.20 12.91
CA LYS B 286 14.08 20.40 13.83
C LYS B 286 14.25 21.88 14.11
N SER B 287 14.54 22.20 15.37
CA SER B 287 14.63 23.57 15.89
C SER B 287 13.26 24.21 16.01
N GLY B 288 12.22 23.51 15.55
CA GLY B 288 10.86 23.97 15.75
C GLY B 288 10.53 25.32 15.16
N ARG B 289 10.98 25.58 13.93
CA ARG B 289 10.60 26.78 13.21
C ARG B 289 9.54 26.52 12.15
N LEU B 290 9.49 25.31 11.60
CA LEU B 290 8.48 24.94 10.63
C LEU B 290 7.60 23.85 11.22
N LEU B 291 6.29 24.03 11.10
CA LEU B 291 5.32 23.05 11.59
C LEU B 291 4.55 22.52 10.40
N LEU B 292 4.69 21.23 10.14
CA LEU B 292 3.94 20.56 9.09
C LEU B 292 2.60 20.09 9.65
N ALA B 293 1.53 20.41 8.93
CA ALA B 293 0.20 19.97 9.31
C ALA B 293 -0.46 19.28 8.14
N GLY B 294 -0.88 18.05 8.35
CA GLY B 294 -1.58 17.30 7.31
C GLY B 294 -3.07 17.53 7.37
N TYR B 295 -3.61 18.06 6.28
CA TYR B 295 -5.02 18.43 6.20
C TYR B 295 -5.80 17.39 5.41
N ASP B 296 -7.13 17.46 5.53
CA ASP B 296 -7.99 16.54 4.80
C ASP B 296 -8.23 16.95 3.36
N ASP B 297 -7.81 18.14 2.94
CA ASP B 297 -8.06 18.53 1.57
C ASP B 297 -7.00 17.96 0.63
N PHE B 298 -6.76 16.65 0.76
CA PHE B 298 -5.86 15.92 -0.12
C PHE B 298 -4.47 16.56 -0.16
N ASN B 299 -4.07 17.19 0.94
CA ASN B 299 -2.96 18.15 0.90
C ASN B 299 -2.37 18.31 2.29
N CYS B 300 -1.16 18.87 2.33
CA CYS B 300 -0.45 19.20 3.55
C CYS B 300 -0.21 20.70 3.61
N ASN B 301 0.57 21.13 4.58
CA ASN B 301 0.91 22.54 4.72
C ASN B 301 2.20 22.68 5.52
N VAL B 302 2.88 23.80 5.31
CA VAL B 302 4.11 24.13 6.00
C VAL B 302 3.85 25.44 6.74
N TRP B 303 3.62 25.36 8.04
CA TRP B 303 3.26 26.52 8.84
C TRP B 303 4.46 27.00 9.63
N ASP B 304 4.79 28.27 9.47
CA ASP B 304 5.86 28.86 10.27
C ASP B 304 5.48 28.85 11.74
N ALA B 305 6.44 28.53 12.60
CA ALA B 305 6.13 28.35 14.01
C ALA B 305 5.99 29.67 14.73
N LEU B 306 7.03 30.52 14.65
CA LEU B 306 7.02 31.76 15.40
C LEU B 306 6.26 32.89 14.73
N LYS B 307 5.84 32.71 13.48
CA LYS B 307 4.98 33.67 12.82
C LYS B 307 3.84 32.94 12.15
N ALA B 308 2.65 33.56 12.16
CA ALA B 308 1.47 32.92 11.61
C ALA B 308 1.54 32.75 10.10
N ASP B 309 2.52 33.38 9.44
CA ASP B 309 2.62 33.30 8.00
C ASP B 309 2.80 31.84 7.56
N ARG B 310 2.21 31.53 6.42
CA ARG B 310 2.27 30.17 5.86
C ARG B 310 3.39 30.08 4.84
N ALA B 311 4.27 29.11 5.02
CA ALA B 311 5.28 28.77 4.04
C ALA B 311 4.64 27.93 2.95
N GLY B 312 5.46 27.26 2.13
CA GLY B 312 4.95 26.49 1.01
C GLY B 312 3.93 25.43 1.36
N VAL B 313 3.42 24.76 0.34
CA VAL B 313 2.40 23.73 0.49
C VAL B 313 2.89 22.46 -0.19
N LEU B 314 2.65 21.31 0.45
CA LEU B 314 3.10 20.02 -0.07
C LEU B 314 1.93 19.35 -0.79
N ALA B 315 1.68 19.80 -2.00
CA ALA B 315 0.57 19.28 -2.81
C ALA B 315 1.09 18.15 -3.69
N GLY B 316 1.07 16.94 -3.15
CA GLY B 316 1.52 15.79 -3.90
C GLY B 316 0.62 14.57 -3.80
N HIS B 317 -0.35 14.60 -2.89
CA HIS B 317 -1.16 13.44 -2.58
C HIS B 317 -2.55 13.55 -3.18
N ASP B 318 -3.03 12.46 -3.74
CA ASP B 318 -4.35 12.44 -4.36
C ASP B 318 -5.48 12.39 -3.35
N ASN B 319 -5.27 11.71 -2.23
CA ASN B 319 -6.30 11.56 -1.20
C ASN B 319 -5.84 12.19 0.11
N ARG B 320 -6.66 12.02 1.14
CA ARG B 320 -6.40 12.65 2.43
C ARG B 320 -5.09 12.18 3.05
N VAL B 321 -4.28 13.13 3.50
CA VAL B 321 -3.05 12.83 4.23
C VAL B 321 -3.44 12.40 5.64
N SER B 322 -3.19 11.14 5.97
CA SER B 322 -3.55 10.60 7.27
C SER B 322 -2.38 10.48 8.23
N CYS B 323 -1.16 10.75 7.77
CA CYS B 323 0.02 10.51 8.58
C CYS B 323 1.23 11.17 7.93
N LEU B 324 2.05 11.81 8.76
CA LEU B 324 3.31 12.39 8.30
C LEU B 324 4.21 12.60 9.51
N GLY B 325 5.52 12.48 9.29
CA GLY B 325 6.48 12.67 10.35
C GLY B 325 7.82 13.13 9.82
N VAL B 326 8.51 13.90 10.65
CA VAL B 326 9.86 14.37 10.36
C VAL B 326 10.86 13.35 10.89
N THR B 327 12.03 13.28 10.27
CA THR B 327 13.08 12.42 10.75
C THR B 327 13.78 13.04 11.96
N ASP B 328 14.61 12.23 12.61
CA ASP B 328 15.33 12.72 13.78
C ASP B 328 16.37 13.77 13.42
N ASP B 329 16.95 13.67 12.22
CA ASP B 329 17.91 14.65 11.76
C ASP B 329 17.28 15.80 10.99
N GLY B 330 15.95 15.79 10.83
CA GLY B 330 15.29 16.86 10.11
C GLY B 330 15.61 16.92 8.64
N MET B 331 16.17 15.86 8.08
CA MET B 331 16.62 15.89 6.70
C MET B 331 15.49 15.66 5.72
N ALA B 332 14.44 14.95 6.12
CA ALA B 332 13.34 14.68 5.22
C ALA B 332 12.06 14.52 6.03
N VAL B 333 10.93 14.72 5.35
CA VAL B 333 9.62 14.51 5.93
C VAL B 333 8.82 13.63 4.98
N ALA B 334 8.26 12.54 5.51
CA ALA B 334 7.49 11.60 4.73
C ALA B 334 6.04 11.71 5.14
N THR B 335 5.16 11.83 4.16
CA THR B 335 3.73 12.01 4.41
C THR B 335 2.96 10.88 3.73
N GLY B 336 2.15 10.19 4.53
CA GLY B 336 1.27 9.17 3.99
C GLY B 336 -0.14 9.69 3.82
N SER B 337 -0.90 9.01 2.97
CA SER B 337 -2.24 9.46 2.65
C SER B 337 -3.14 8.26 2.41
N TRP B 338 -4.43 8.54 2.18
CA TRP B 338 -5.40 7.47 2.00
C TRP B 338 -5.23 6.78 0.65
N ASP B 339 -4.68 7.45 -0.34
CA ASP B 339 -4.13 6.72 -1.48
C ASP B 339 -2.87 5.99 -1.01
N SER B 340 -2.69 4.76 -1.48
CA SER B 340 -1.73 3.86 -0.87
C SER B 340 -0.30 4.37 -0.91
N PHE B 341 -0.03 5.46 -1.63
CA PHE B 341 1.32 5.96 -1.77
C PHE B 341 1.78 6.64 -0.48
N LEU B 342 3.09 6.85 -0.37
CA LEU B 342 3.69 7.50 0.78
C LEU B 342 4.93 8.22 0.28
N LYS B 343 4.81 9.53 0.09
CA LYS B 343 5.89 10.32 -0.48
C LYS B 343 6.82 10.85 0.61
N ILE B 344 8.05 11.12 0.22
CA ILE B 344 9.08 11.63 1.13
C ILE B 344 9.56 12.96 0.56
N TRP B 345 9.46 14.02 1.37
CA TRP B 345 9.71 15.38 0.91
C TRP B 345 11.01 15.91 1.52
N ASN B 346 11.71 16.71 0.73
CA ASN B 346 13.00 17.25 1.15
C ASN B 346 13.27 18.58 0.44
N ALA C 7 -21.28 8.01 43.54
CA ALA C 7 -20.46 7.89 42.34
C ALA C 7 -20.25 9.25 41.71
N SER C 8 -21.35 9.96 41.47
CA SER C 8 -21.25 11.32 40.93
C SER C 8 -20.53 12.24 41.89
N ILE C 9 -20.80 12.10 43.19
CA ILE C 9 -20.08 12.88 44.19
C ILE C 9 -18.59 12.57 44.14
N ALA C 10 -18.24 11.29 44.01
CA ALA C 10 -16.84 10.91 43.94
C ALA C 10 -16.15 11.48 42.71
N GLN C 11 -16.81 11.44 41.55
CA GLN C 11 -16.18 11.96 40.34
C GLN C 11 -16.07 13.48 40.39
N ALA C 12 -17.06 14.16 40.99
CA ALA C 12 -16.95 15.60 41.18
C ALA C 12 -15.81 15.95 42.11
N ARG C 13 -15.62 15.17 43.18
CA ARG C 13 -14.51 15.40 44.09
C ARG C 13 -13.18 15.17 43.39
N LYS C 14 -13.10 14.13 42.55
CA LYS C 14 -11.87 13.90 41.79
C LYS C 14 -11.57 15.05 40.86
N LEU C 15 -12.61 15.57 40.17
CA LEU C 15 -12.42 16.71 39.28
C LEU C 15 -11.95 17.94 40.04
N VAL C 16 -12.57 18.22 41.20
CA VAL C 16 -12.18 19.41 41.94
C VAL C 16 -10.77 19.27 42.51
N GLU C 17 -10.38 18.06 42.90
CA GLU C 17 -9.02 17.85 43.40
C GLU C 17 -7.99 18.03 42.28
N GLN C 18 -8.29 17.51 41.09
CA GLN C 18 -7.40 17.73 39.96
C GLN C 18 -7.30 19.21 39.62
N LEU C 19 -8.43 19.91 39.64
CA LEU C 19 -8.42 21.35 39.37
C LEU C 19 -7.60 22.10 40.42
N LYS C 20 -7.71 21.70 41.69
CA LYS C 20 -6.91 22.33 42.73
C LYS C 20 -5.42 22.10 42.50
N MET C 21 -5.05 20.86 42.17
CA MET C 21 -3.65 20.56 41.92
C MET C 21 -3.12 21.36 40.74
N GLU C 22 -3.93 21.52 39.69
CA GLU C 22 -3.51 22.32 38.55
C GLU C 22 -3.39 23.79 38.93
N ALA C 23 -4.31 24.30 39.76
CA ALA C 23 -4.28 25.70 40.16
C ALA C 23 -3.15 26.03 41.10
N ASN C 24 -2.60 25.02 41.79
CA ASN C 24 -1.49 25.25 42.71
C ASN C 24 -0.13 25.27 42.01
N ILE C 25 -0.09 25.52 40.70
CA ILE C 25 1.15 25.43 39.94
C ILE C 25 1.82 26.80 39.90
N ASP C 26 3.10 26.80 39.55
CA ASP C 26 3.88 28.01 39.37
C ASP C 26 4.05 28.27 37.87
N ARG C 27 3.68 29.47 37.43
CA ARG C 27 3.62 29.80 36.03
C ARG C 27 4.68 30.84 35.68
N ILE C 28 4.92 30.99 34.38
CA ILE C 28 5.90 31.94 33.86
C ILE C 28 5.21 32.82 32.83
N LYS C 29 5.74 34.01 32.64
CA LYS C 29 5.11 34.97 31.75
C LYS C 29 5.26 34.54 30.30
N VAL C 30 4.22 34.80 29.50
CA VAL C 30 4.24 34.36 28.12
C VAL C 30 5.30 35.10 27.32
N SER C 31 5.68 36.30 27.74
CA SER C 31 6.78 36.98 27.07
C SER C 31 8.09 36.20 27.24
N LYS C 32 8.37 35.77 28.47
CA LYS C 32 9.55 34.95 28.71
C LYS C 32 9.46 33.62 27.98
N ALA C 33 8.26 33.02 27.97
CA ALA C 33 8.08 31.75 27.29
C ALA C 33 8.34 31.86 25.80
N ALA C 34 7.82 32.93 25.17
CA ALA C 34 8.04 33.14 23.74
C ALA C 34 9.50 33.48 23.46
N ALA C 35 10.14 34.23 24.35
CA ALA C 35 11.57 34.50 24.18
C ALA C 35 12.37 33.20 24.22
N ASP C 36 12.04 32.30 25.14
CA ASP C 36 12.73 31.01 25.20
C ASP C 36 12.48 30.20 23.94
N LEU C 37 11.24 30.18 23.46
CA LEU C 37 10.93 29.40 22.27
C LEU C 37 11.66 29.95 21.04
N MET C 38 11.68 31.27 20.88
CA MET C 38 12.37 31.85 19.73
C MET C 38 13.88 31.82 19.87
N ALA C 39 14.39 31.69 21.09
CA ALA C 39 15.83 31.52 21.29
C ALA C 39 16.29 30.09 21.01
N TYR C 40 15.35 29.15 20.89
CA TYR C 40 15.71 27.78 20.55
C TYR C 40 15.84 27.59 19.05
N CYS C 41 15.04 28.29 18.26
CA CYS C 41 15.16 28.16 16.80
C CYS C 41 16.42 28.83 16.30
N GLU C 42 16.72 30.03 16.80
CA GLU C 42 17.91 30.74 16.37
C GLU C 42 19.19 29.98 16.74
N ALA C 43 19.22 29.42 17.95
CA ALA C 43 20.37 28.62 18.36
C ALA C 43 20.50 27.34 17.56
N HIS C 44 19.41 26.88 16.93
CA HIS C 44 19.43 25.65 16.14
C HIS C 44 19.08 25.91 14.68
N ALA C 45 19.24 27.15 14.21
CA ALA C 45 18.82 27.48 12.85
C ALA C 45 19.71 26.82 11.81
N LYS C 46 21.03 26.92 11.97
CA LYS C 46 21.96 26.42 10.97
C LYS C 46 21.91 24.90 10.82
N GLU C 47 21.29 24.19 11.75
CA GLU C 47 21.24 22.74 11.74
C GLU C 47 19.94 22.19 11.18
N ASP C 48 19.11 23.04 10.56
CA ASP C 48 17.84 22.60 10.00
C ASP C 48 18.01 22.32 8.52
N PRO C 49 17.95 21.06 8.07
CA PRO C 49 18.01 20.80 6.64
C PRO C 49 16.83 21.39 5.87
N LEU C 50 15.64 21.42 6.48
CA LEU C 50 14.46 21.91 5.78
C LEU C 50 14.41 23.42 5.72
N LEU C 51 14.88 24.11 6.75
CA LEU C 51 14.81 25.57 6.78
C LEU C 51 15.76 26.18 5.76
N THR C 52 17.06 25.95 5.94
CA THR C 52 18.05 26.34 4.95
C THR C 52 18.32 25.13 4.08
N PRO C 53 18.01 25.17 2.78
CA PRO C 53 18.12 23.97 1.95
C PRO C 53 19.55 23.44 1.93
N VAL C 54 19.67 22.13 2.16
CA VAL C 54 20.97 21.45 2.21
C VAL C 54 21.51 21.31 0.79
N PRO C 55 22.80 21.48 0.58
CA PRO C 55 23.36 21.21 -0.75
C PRO C 55 23.16 19.76 -1.14
N ALA C 56 23.04 19.53 -2.46
CA ALA C 56 22.70 18.20 -2.96
C ALA C 56 23.75 17.16 -2.60
N SER C 57 25.00 17.57 -2.35
CA SER C 57 26.03 16.61 -1.97
C SER C 57 25.72 15.97 -0.63
N GLU C 58 25.28 16.77 0.34
CA GLU C 58 25.00 16.27 1.69
C GLU C 58 23.60 15.72 1.86
N ASN C 59 22.74 15.88 0.86
CA ASN C 59 21.38 15.36 0.95
C ASN C 59 21.37 13.88 0.62
N PRO C 60 20.90 13.01 1.53
CA PRO C 60 20.86 11.57 1.23
C PRO C 60 19.73 11.14 0.31
N PHE C 61 19.03 12.08 -0.31
CA PHE C 61 17.92 11.78 -1.21
C PHE C 61 18.14 12.35 -2.60
N ARG C 62 19.40 12.62 -2.97
CA ARG C 62 19.69 13.19 -4.27
C ARG C 62 19.43 12.19 -5.40
N GLU C 63 19.70 10.91 -5.18
CA GLU C 63 19.51 9.89 -6.21
C GLU C 63 19.05 8.58 -5.61
N CYS D 235 -8.47 16.89 -60.51
CA CYS D 235 -9.46 16.33 -59.61
C CYS D 235 -9.68 17.22 -58.40
N GLY D 236 -10.86 17.83 -58.32
CA GLY D 236 -11.19 18.69 -57.19
C GLY D 236 -11.57 17.97 -55.92
N LEU D 237 -11.75 16.65 -55.99
CA LEU D 237 -12.10 15.85 -54.83
C LEU D 237 -10.90 15.54 -53.94
N GLY D 238 -9.69 15.83 -54.40
CA GLY D 238 -8.49 15.46 -53.66
C GLY D 238 -8.31 16.17 -52.34
N PHE D 239 -8.98 17.30 -52.14
CA PHE D 239 -8.89 18.03 -50.88
C PHE D 239 -9.86 17.49 -49.83
N VAL D 240 -10.68 16.51 -50.15
CA VAL D 240 -11.60 15.90 -49.20
C VAL D 240 -10.87 14.93 -48.28
N PRO D 241 -10.15 13.92 -48.79
CA PRO D 241 -9.53 12.96 -47.88
C PRO D 241 -8.51 13.59 -46.95
N VAL D 242 -7.74 14.57 -47.43
CA VAL D 242 -6.72 15.18 -46.60
C VAL D 242 -7.35 15.88 -45.40
N VAL D 243 -8.39 16.67 -45.64
CA VAL D 243 -9.04 17.38 -44.54
C VAL D 243 -9.76 16.40 -43.62
N TYR D 244 -10.34 15.34 -44.18
CA TYR D 244 -11.02 14.38 -43.33
C TYR D 244 -10.05 13.67 -42.40
N TYR D 245 -8.89 13.27 -42.92
CA TYR D 245 -7.93 12.60 -42.07
C TYR D 245 -7.24 13.57 -41.12
N SER D 246 -7.15 14.85 -41.48
CA SER D 246 -6.66 15.85 -40.54
C SER D 246 -7.60 15.97 -39.35
N LEU D 247 -8.91 16.07 -39.62
CA LEU D 247 -9.88 16.08 -38.53
C LEU D 247 -9.84 14.78 -37.74
N LEU D 248 -9.60 13.68 -38.44
CA LEU D 248 -9.47 12.38 -37.80
C LEU D 248 -8.34 12.39 -36.76
N LEU D 249 -7.17 12.87 -37.17
CA LEU D 249 -6.03 12.95 -36.26
C LEU D 249 -6.32 13.90 -35.10
N CYS D 250 -6.91 15.06 -35.42
CA CYS D 250 -7.18 16.05 -34.37
C CYS D 250 -8.16 15.50 -33.33
N LEU D 251 -9.12 14.69 -33.78
CA LEU D 251 -10.08 14.10 -32.84
C LEU D 251 -9.46 12.96 -32.05
N GLY D 252 -8.59 12.17 -32.68
CA GLY D 252 -8.12 10.95 -32.04
C GLY D 252 -6.84 11.07 -31.24
N LEU D 253 -5.80 11.66 -31.82
CA LEU D 253 -4.50 11.68 -31.16
C LEU D 253 -4.53 12.36 -29.79
N PRO D 254 -5.06 13.58 -29.63
CA PRO D 254 -5.14 14.13 -28.28
C PRO D 254 -5.96 13.28 -27.33
N ALA D 255 -7.08 12.75 -27.80
CA ALA D 255 -7.96 11.98 -26.93
C ALA D 255 -7.27 10.70 -26.44
N ASN D 256 -6.69 9.95 -27.37
CA ASN D 256 -6.03 8.70 -26.98
C ASN D 256 -4.76 8.95 -26.20
N ILE D 257 -4.03 10.02 -26.49
CA ILE D 257 -2.82 10.30 -25.72
C ILE D 257 -3.20 10.71 -24.30
N LEU D 258 -4.29 11.45 -24.14
CA LEU D 258 -4.77 11.78 -22.80
C LEU D 258 -5.21 10.52 -22.07
N THR D 259 -5.88 9.60 -22.79
CA THR D 259 -6.27 8.34 -22.18
C THR D 259 -5.05 7.56 -21.69
N VAL D 260 -4.00 7.52 -22.50
CA VAL D 260 -2.79 6.80 -22.11
C VAL D 260 -2.16 7.45 -20.90
N ILE D 261 -2.07 8.79 -20.89
CA ILE D 261 -1.46 9.48 -19.77
C ILE D 261 -2.24 9.22 -18.49
N ILE D 262 -3.57 9.27 -18.56
CA ILE D 262 -4.39 9.05 -17.37
C ILE D 262 -4.29 7.60 -16.89
N LEU D 263 -4.28 6.65 -17.82
CA LEU D 263 -4.35 5.25 -17.45
C LEU D 263 -2.98 4.63 -17.17
N SER D 264 -1.89 5.34 -17.45
CA SER D 264 -0.57 4.79 -17.19
C SER D 264 -0.18 4.87 -15.72
N GLN D 265 -0.95 5.55 -14.90
CA GLN D 265 -0.64 5.66 -13.48
C GLN D 265 -0.84 4.31 -12.79
N LEU D 266 -0.13 4.14 -11.67
CA LEU D 266 -0.16 2.87 -10.96
C LEU D 266 -1.54 2.58 -10.37
N VAL D 267 -2.27 3.62 -9.95
CA VAL D 267 -3.59 3.42 -9.38
C VAL D 267 -4.57 2.87 -10.41
N ALA D 268 -4.25 2.98 -11.69
CA ALA D 268 -5.10 2.46 -12.76
C ALA D 268 -4.68 1.08 -13.24
N ARG D 269 -3.38 0.85 -13.40
CA ARG D 269 -2.91 -0.41 -13.94
C ARG D 269 -3.08 -1.57 -12.96
N ARG D 270 -3.31 -1.29 -11.68
CA ARG D 270 -3.35 -2.32 -10.67
C ARG D 270 -4.72 -2.53 -10.03
N GLN D 271 -5.63 -1.57 -10.17
CA GLN D 271 -6.92 -1.68 -9.51
C GLN D 271 -7.92 -2.49 -10.33
N LYS D 272 -8.13 -2.10 -11.59
CA LYS D 272 -9.12 -2.74 -12.45
C LYS D 272 -8.47 -3.18 -13.75
N SER D 273 -8.85 -4.36 -14.21
CA SER D 273 -8.33 -4.88 -15.47
C SER D 273 -8.85 -4.09 -16.66
N VAL D 274 -10.03 -3.48 -16.52
CA VAL D 274 -10.60 -2.69 -17.59
C VAL D 274 -9.69 -1.51 -17.91
N TYR D 275 -9.07 -0.93 -16.87
CA TYR D 275 -8.15 0.19 -17.10
C TYR D 275 -6.94 -0.26 -17.93
N ASN D 276 -6.38 -1.42 -17.63
CA ASN D 276 -5.26 -1.93 -18.42
C ASN D 276 -5.69 -2.21 -19.86
N TYR D 277 -6.86 -2.81 -20.03
CA TYR D 277 -7.33 -3.11 -21.38
C TYR D 277 -7.58 -1.84 -22.18
N LEU D 278 -8.12 -0.81 -21.52
CA LEU D 278 -8.35 0.46 -22.19
C LEU D 278 -7.04 1.18 -22.50
N LEU D 279 -6.04 1.04 -21.64
CA LEU D 279 -4.71 1.57 -21.96
C LEU D 279 -4.15 0.91 -23.21
N ALA D 280 -4.27 -0.42 -23.28
CA ALA D 280 -3.80 -1.14 -24.46
C ALA D 280 -4.58 -0.71 -25.71
N LEU D 281 -5.89 -0.53 -25.57
CA LEU D 281 -6.71 -0.10 -26.71
C LEU D 281 -6.31 1.30 -27.16
N ALA D 282 -6.02 2.19 -26.22
CA ALA D 282 -5.62 3.55 -26.58
C ALA D 282 -4.25 3.54 -27.25
N ALA D 283 -3.31 2.74 -26.76
CA ALA D 283 -2.02 2.64 -27.42
C ALA D 283 -2.16 2.08 -28.83
N ALA D 284 -2.99 1.05 -28.98
CA ALA D 284 -3.22 0.49 -30.30
C ALA D 284 -3.87 1.51 -31.22
N ASP D 285 -4.79 2.31 -30.69
CA ASP D 285 -5.42 3.36 -31.49
C ASP D 285 -4.43 4.42 -31.89
N ILE D 286 -3.49 4.76 -31.01
CA ILE D 286 -2.45 5.72 -31.37
C ILE D 286 -1.58 5.15 -32.48
N LEU D 287 -1.22 3.88 -32.38
CA LEU D 287 -0.44 3.25 -33.45
C LEU D 287 -1.21 3.25 -34.76
N VAL D 288 -2.51 2.93 -34.72
CA VAL D 288 -3.35 2.97 -35.91
C VAL D 288 -3.32 4.37 -36.51
N LEU D 289 -3.60 5.39 -35.70
CA LEU D 289 -3.68 6.74 -36.21
C LEU D 289 -2.36 7.15 -36.85
N PHE D 290 -1.25 6.98 -36.12
CA PHE D 290 0.05 7.35 -36.69
C PHE D 290 0.28 6.59 -37.98
N PHE D 291 0.43 5.27 -37.89
CA PHE D 291 0.93 4.47 -39.00
C PHE D 291 0.03 4.58 -40.23
N ILE D 292 -1.29 4.53 -40.05
CA ILE D 292 -2.14 4.62 -41.22
C ILE D 292 -2.33 6.07 -41.60
N VAL D 293 -2.98 6.86 -40.75
CA VAL D 293 -3.38 8.20 -41.15
C VAL D 293 -2.14 9.01 -41.50
N PHE D 294 -1.28 9.28 -40.52
CA PHE D 294 -0.25 10.29 -40.71
C PHE D 294 0.78 9.84 -41.74
N VAL D 295 1.12 8.55 -41.74
CA VAL D 295 2.09 8.09 -42.72
C VAL D 295 1.41 7.95 -44.06
N ASP D 296 0.50 6.98 -44.19
CA ASP D 296 -0.03 6.67 -45.51
C ASP D 296 -0.91 7.80 -46.01
N PHE D 297 -2.05 8.05 -45.36
CA PHE D 297 -3.07 8.86 -46.01
C PHE D 297 -2.67 10.32 -46.09
N LEU D 298 -1.65 10.76 -45.36
CA LEU D 298 -1.14 12.11 -45.51
C LEU D 298 0.15 12.15 -46.34
N LEU D 299 1.22 11.48 -45.88
CA LEU D 299 2.50 11.60 -46.55
C LEU D 299 2.46 10.89 -47.90
N GLU D 300 1.98 9.65 -47.94
CA GLU D 300 2.05 8.83 -49.14
C GLU D 300 0.95 9.17 -50.14
N ASP D 301 -0.04 9.97 -49.75
CA ASP D 301 -1.13 10.33 -50.63
C ASP D 301 -1.20 11.81 -50.95
N PHE D 302 -0.74 12.68 -50.06
CA PHE D 302 -0.83 14.11 -50.36
C PHE D 302 0.49 14.84 -50.18
N ILE D 303 1.31 14.45 -49.20
CA ILE D 303 2.50 15.22 -48.86
C ILE D 303 3.71 14.79 -49.71
N LEU D 304 4.08 13.51 -49.70
CA LEU D 304 5.32 13.10 -50.35
C LEU D 304 5.08 12.26 -51.61
N ASN D 305 4.51 11.07 -51.47
CA ASN D 305 4.11 10.24 -52.62
C ASN D 305 5.22 10.03 -53.65
N MET D 306 6.44 9.73 -53.19
CA MET D 306 7.37 9.00 -54.05
C MET D 306 8.19 7.97 -53.28
N GLN D 307 7.60 7.36 -52.25
CA GLN D 307 8.36 6.44 -51.40
C GLN D 307 8.85 5.25 -52.20
N MET D 308 10.09 4.85 -51.94
CA MET D 308 10.65 3.69 -52.63
C MET D 308 9.87 2.46 -52.18
N PRO D 309 9.44 1.60 -53.12
CA PRO D 309 8.39 0.63 -52.79
C PRO D 309 8.86 -0.59 -52.01
N GLN D 310 10.09 -1.06 -52.28
CA GLN D 310 10.48 -2.38 -51.80
C GLN D 310 10.48 -2.51 -50.29
N VAL D 311 11.41 -1.85 -49.61
CA VAL D 311 11.54 -2.01 -48.16
C VAL D 311 10.50 -1.18 -47.39
N PRO D 312 10.49 0.17 -47.50
CA PRO D 312 9.77 0.96 -46.49
C PRO D 312 8.26 1.00 -46.69
N ASP D 313 7.79 1.01 -47.95
CA ASP D 313 6.35 0.98 -48.18
C ASP D 313 5.73 -0.30 -47.65
N LYS D 314 6.38 -1.44 -47.94
CA LYS D 314 5.89 -2.71 -47.42
C LYS D 314 6.04 -2.80 -45.91
N ILE D 315 7.09 -2.21 -45.35
CA ILE D 315 7.23 -2.18 -43.90
C ILE D 315 6.09 -1.38 -43.27
N ILE D 316 5.74 -0.25 -43.87
CA ILE D 316 4.64 0.55 -43.36
C ILE D 316 3.32 -0.20 -43.47
N GLU D 317 3.12 -0.91 -44.58
CA GLU D 317 1.92 -1.74 -44.73
C GLU D 317 1.84 -2.78 -43.60
N VAL D 318 2.95 -3.48 -43.35
CA VAL D 318 2.97 -4.49 -42.31
C VAL D 318 2.69 -3.87 -40.95
N LEU D 319 3.31 -2.73 -40.65
CA LEU D 319 3.14 -2.10 -39.35
C LEU D 319 1.70 -1.63 -39.15
N GLU D 320 1.08 -1.07 -40.20
CA GLU D 320 -0.28 -0.60 -40.05
C GLU D 320 -1.27 -1.75 -39.96
N PHE D 321 -0.99 -2.86 -40.63
CA PHE D 321 -1.84 -4.03 -40.45
C PHE D 321 -1.69 -4.58 -39.03
N SER D 322 -0.47 -4.54 -38.48
CA SER D 322 -0.29 -4.86 -37.07
C SER D 322 -1.12 -3.94 -36.19
N SER D 323 -1.13 -2.64 -36.50
CA SER D 323 -1.86 -1.68 -35.69
C SER D 323 -3.36 -1.96 -35.71
N ILE D 324 -3.92 -2.23 -36.90
CA ILE D 324 -5.36 -2.49 -36.97
C ILE D 324 -5.70 -3.82 -36.30
N HIS D 325 -4.84 -4.83 -36.45
CA HIS D 325 -5.10 -6.09 -35.77
C HIS D 325 -5.08 -5.91 -34.26
N THR D 326 -4.12 -5.13 -33.75
CA THR D 326 -4.07 -4.88 -32.31
C THR D 326 -5.29 -4.09 -31.84
N SER D 327 -5.72 -3.09 -32.62
CA SER D 327 -6.88 -2.31 -32.23
C SER D 327 -8.13 -3.17 -32.18
N ILE D 328 -8.30 -4.09 -33.14
CA ILE D 328 -9.52 -4.87 -33.16
C ILE D 328 -9.45 -6.04 -32.17
N TRP D 329 -8.26 -6.55 -31.87
CA TRP D 329 -8.12 -7.70 -30.99
C TRP D 329 -7.68 -7.31 -29.58
N ILE D 330 -7.69 -6.03 -29.25
CA ILE D 330 -7.73 -5.63 -27.85
C ILE D 330 -9.18 -5.47 -27.39
N THR D 331 -10.08 -5.10 -28.29
CA THR D 331 -11.50 -5.06 -27.96
C THR D 331 -12.04 -6.44 -27.63
N VAL D 332 -11.54 -7.48 -28.30
CA VAL D 332 -12.02 -8.83 -28.04
C VAL D 332 -11.79 -9.26 -26.61
N PRO D 333 -10.59 -9.15 -26.04
CA PRO D 333 -10.45 -9.41 -24.61
C PRO D 333 -11.24 -8.43 -23.76
N LEU D 334 -11.44 -7.20 -24.23
CA LEU D 334 -12.25 -6.25 -23.49
C LEU D 334 -13.70 -6.71 -23.38
N THR D 335 -14.28 -7.16 -24.50
CA THR D 335 -15.66 -7.62 -24.46
C THR D 335 -15.78 -8.96 -23.73
N ILE D 336 -14.75 -9.81 -23.80
CA ILE D 336 -14.78 -11.03 -23.01
C ILE D 336 -14.74 -10.71 -21.52
N ASP D 337 -13.90 -9.75 -21.12
CA ASP D 337 -13.84 -9.34 -19.72
C ASP D 337 -15.16 -8.75 -19.27
N ARG D 338 -15.77 -7.93 -20.13
CA ARG D 338 -17.08 -7.37 -19.81
C ARG D 338 -18.12 -8.47 -19.66
N TYR D 339 -18.10 -9.47 -20.54
CA TYR D 339 -19.05 -10.57 -20.45
C TYR D 339 -18.86 -11.35 -19.17
N ILE D 340 -17.61 -11.64 -18.81
CA ILE D 340 -17.37 -12.35 -17.54
C ILE D 340 -17.85 -11.52 -16.37
N ALA D 341 -17.55 -10.22 -16.37
CA ALA D 341 -17.90 -9.37 -15.24
C ALA D 341 -19.41 -9.19 -15.10
N VAL D 342 -20.16 -9.29 -16.19
CA VAL D 342 -21.59 -9.03 -16.11
C VAL D 342 -22.39 -10.33 -15.96
N CYS D 343 -21.85 -11.44 -16.48
CA CYS D 343 -22.57 -12.70 -16.47
C CYS D 343 -22.16 -13.63 -15.35
N HIS D 344 -20.88 -13.68 -15.01
CA HIS D 344 -20.37 -14.45 -13.88
C HIS D 344 -19.55 -13.51 -13.01
N PRO D 345 -20.22 -12.60 -12.29
CA PRO D 345 -19.48 -11.62 -11.47
C PRO D 345 -18.65 -12.26 -10.38
N LEU D 346 -19.09 -13.41 -9.85
CA LEU D 346 -18.34 -14.07 -8.78
C LEU D 346 -16.95 -14.48 -9.26
N LYS D 347 -16.85 -14.96 -10.49
CA LYS D 347 -15.60 -15.43 -11.05
C LYS D 347 -14.83 -14.33 -11.77
N TYR D 348 -15.32 -13.09 -11.73
CA TYR D 348 -14.65 -12.02 -12.48
C TYR D 348 -13.27 -11.72 -11.93
N HIS D 349 -13.17 -11.58 -10.60
CA HIS D 349 -11.87 -11.29 -9.99
C HIS D 349 -10.98 -12.52 -9.90
N THR D 350 -11.54 -13.71 -10.05
CA THR D 350 -10.74 -14.93 -10.04
C THR D 350 -10.14 -15.24 -11.41
N VAL D 351 -10.94 -15.09 -12.47
CA VAL D 351 -10.46 -15.41 -13.80
C VAL D 351 -9.68 -14.22 -14.39
N SER D 352 -10.13 -13.00 -14.14
CA SER D 352 -9.52 -11.81 -14.71
C SER D 352 -8.91 -10.95 -13.61
N TYR D 353 -7.64 -10.61 -13.79
CA TYR D 353 -6.93 -9.72 -12.88
C TYR D 353 -5.78 -9.08 -13.64
N PRO D 354 -5.28 -7.93 -13.17
CA PRO D 354 -4.27 -7.21 -13.95
C PRO D 354 -3.04 -8.04 -14.31
N ALA D 355 -2.62 -8.97 -13.44
CA ALA D 355 -1.47 -9.80 -13.77
C ALA D 355 -1.74 -10.66 -15.01
N ARG D 356 -2.94 -11.22 -15.11
CA ARG D 356 -3.28 -12.02 -16.29
C ARG D 356 -3.54 -11.14 -17.50
N THR D 357 -4.13 -9.97 -17.30
CA THR D 357 -4.43 -9.09 -18.43
C THR D 357 -3.15 -8.53 -19.04
N ARG D 358 -2.09 -8.35 -18.24
CA ARG D 358 -0.80 -7.98 -18.80
C ARG D 358 -0.31 -9.03 -19.79
N LYS D 359 -0.40 -10.31 -19.39
CA LYS D 359 0.00 -11.38 -20.28
C LYS D 359 -0.87 -11.42 -21.53
N VAL D 360 -2.18 -11.23 -21.37
CA VAL D 360 -3.07 -11.25 -22.52
C VAL D 360 -2.74 -10.12 -23.49
N ILE D 361 -2.47 -8.92 -22.95
CA ILE D 361 -2.18 -7.77 -23.82
C ILE D 361 -0.87 -7.98 -24.57
N VAL D 362 0.18 -8.40 -23.86
CA VAL D 362 1.46 -8.59 -24.53
C VAL D 362 1.37 -9.73 -25.55
N SER D 363 0.61 -10.78 -25.23
CA SER D 363 0.42 -11.87 -26.18
C SER D 363 -0.33 -11.40 -27.41
N VAL D 364 -1.35 -10.57 -27.23
CA VAL D 364 -2.10 -10.06 -28.38
C VAL D 364 -1.21 -9.21 -29.26
N TYR D 365 -0.40 -8.34 -28.66
CA TYR D 365 0.49 -7.48 -29.45
C TYR D 365 1.50 -8.32 -30.22
N ILE D 366 2.14 -9.29 -29.55
CA ILE D 366 3.13 -10.12 -30.23
C ILE D 366 2.50 -10.94 -31.34
N THR D 367 1.33 -11.52 -31.07
CA THR D 367 0.67 -12.35 -32.08
C THR D 367 0.27 -11.52 -33.29
N CYS D 368 -0.25 -10.31 -33.07
CA CYS D 368 -0.63 -9.47 -34.20
C CYS D 368 0.60 -9.03 -34.99
N PHE D 369 1.69 -8.69 -34.29
CA PHE D 369 2.90 -8.28 -34.99
C PHE D 369 3.44 -9.42 -35.85
N LEU D 370 3.41 -10.65 -35.33
CA LEU D 370 3.89 -11.79 -36.10
C LEU D 370 2.95 -12.13 -37.25
N THR D 371 1.64 -12.07 -37.01
CA THR D 371 0.66 -12.43 -38.02
C THR D 371 0.59 -11.39 -39.13
N SER D 372 1.03 -10.16 -38.88
CA SER D 372 1.00 -9.15 -39.92
C SER D 372 2.19 -9.22 -40.88
N ILE D 373 3.17 -10.09 -40.62
CA ILE D 373 4.27 -10.26 -41.56
C ILE D 373 3.80 -10.78 -42.92
N PRO D 374 2.90 -11.79 -43.00
CA PRO D 374 2.40 -12.22 -44.32
C PRO D 374 1.82 -11.10 -45.18
N TYR D 375 1.53 -9.94 -44.58
CA TYR D 375 1.04 -8.81 -45.35
C TYR D 375 2.15 -8.06 -46.06
N TYR D 376 3.40 -8.54 -45.97
CA TYR D 376 4.47 -7.95 -46.76
C TYR D 376 4.14 -8.03 -48.24
N TRP D 377 3.60 -9.15 -48.69
CA TRP D 377 3.15 -9.29 -50.08
C TRP D 377 1.67 -8.93 -50.22
N TRP D 378 1.32 -7.74 -49.74
CA TRP D 378 -0.07 -7.31 -49.76
C TRP D 378 -0.55 -7.09 -51.19
N PRO D 379 -1.81 -7.40 -51.48
CA PRO D 379 -2.32 -7.19 -52.83
C PRO D 379 -2.18 -5.73 -53.26
N ASN D 380 -1.86 -5.55 -54.54
CA ASN D 380 -1.72 -4.23 -55.14
C ASN D 380 -2.81 -4.06 -56.19
N ILE D 381 -3.59 -3.00 -56.06
CA ILE D 381 -4.70 -2.73 -56.96
C ILE D 381 -4.60 -1.35 -57.60
N TRP D 382 -4.26 -0.33 -56.81
CA TRP D 382 -4.26 1.04 -57.33
CA TRP D 382 -4.27 1.04 -57.33
C TRP D 382 -3.18 1.27 -58.35
N THR D 383 -1.99 0.69 -58.15
CA THR D 383 -0.88 0.93 -59.07
C THR D 383 -1.20 0.47 -60.48
N GLU D 384 -1.78 -0.72 -60.62
CA GLU D 384 -2.17 -1.21 -61.94
C GLU D 384 -3.22 -2.30 -61.78
N ASP D 385 -4.13 -2.37 -62.74
CA ASP D 385 -5.10 -3.46 -62.81
C ASP D 385 -4.43 -4.65 -63.50
N TYR D 386 -4.09 -5.68 -62.73
CA TYR D 386 -3.44 -6.87 -63.26
C TYR D 386 -4.04 -8.08 -62.56
N ILE D 387 -3.40 -9.23 -62.74
CA ILE D 387 -3.92 -10.50 -62.24
C ILE D 387 -3.43 -10.72 -60.82
N SER D 388 -4.36 -10.99 -59.91
CA SER D 388 -4.03 -11.33 -58.53
C SER D 388 -3.98 -12.84 -58.38
N THR D 389 -2.86 -13.35 -57.88
CA THR D 389 -2.64 -14.78 -57.78
C THR D 389 -3.13 -15.31 -56.43
N SER D 390 -2.78 -16.56 -56.12
CA SER D 390 -3.34 -17.22 -54.94
C SER D 390 -2.90 -16.54 -53.64
N VAL D 391 -1.65 -16.05 -53.60
CA VAL D 391 -1.14 -15.48 -52.36
C VAL D 391 -1.95 -14.26 -51.94
N HIS D 392 -2.55 -13.55 -52.91
CA HIS D 392 -3.42 -12.43 -52.56
C HIS D 392 -4.76 -12.92 -52.03
N HIS D 393 -5.29 -13.99 -52.61
CA HIS D 393 -6.61 -14.48 -52.19
C HIS D 393 -6.59 -14.95 -50.74
N VAL D 394 -5.63 -15.80 -50.39
CA VAL D 394 -5.56 -16.31 -49.03
C VAL D 394 -5.28 -15.18 -48.06
N LEU D 395 -4.39 -14.27 -48.43
CA LEU D 395 -4.03 -13.18 -47.54
C LEU D 395 -5.21 -12.27 -47.27
N ILE D 396 -5.98 -11.94 -48.31
CA ILE D 396 -7.13 -11.07 -48.13
C ILE D 396 -8.23 -11.79 -47.36
N TRP D 397 -8.40 -13.11 -47.58
CA TRP D 397 -9.38 -13.85 -46.79
C TRP D 397 -9.00 -13.86 -45.31
N ILE D 398 -7.71 -14.07 -45.02
CA ILE D 398 -7.27 -14.07 -43.64
C ILE D 398 -7.49 -12.70 -43.01
N HIS D 399 -7.16 -11.64 -43.73
CA HIS D 399 -7.36 -10.29 -43.20
C HIS D 399 -8.84 -10.01 -42.94
N CYS D 400 -9.68 -10.33 -43.93
CA CYS D 400 -11.12 -10.09 -43.78
C CYS D 400 -11.66 -10.83 -42.57
N PHE D 401 -11.33 -12.12 -42.45
CA PHE D 401 -11.75 -12.89 -41.29
C PHE D 401 -11.29 -12.21 -40.01
N THR D 402 -9.98 -12.13 -39.81
CA THR D 402 -9.40 -11.75 -38.53
C THR D 402 -9.67 -10.30 -38.14
N VAL D 403 -10.11 -9.46 -39.07
CA VAL D 403 -10.43 -8.08 -38.74
C VAL D 403 -11.93 -7.88 -38.57
N TYR D 404 -12.74 -8.39 -39.49
CA TYR D 404 -14.16 -8.10 -39.48
C TYR D 404 -15.00 -9.27 -38.99
N LEU D 405 -14.80 -10.46 -39.54
CA LEU D 405 -15.84 -11.49 -39.45
C LEU D 405 -15.84 -12.17 -38.08
N VAL D 406 -14.71 -12.74 -37.68
CA VAL D 406 -14.62 -13.33 -36.34
C VAL D 406 -14.86 -12.28 -35.26
N PRO D 407 -14.22 -11.10 -35.28
CA PRO D 407 -14.52 -10.10 -34.24
C PRO D 407 -15.98 -9.67 -34.20
N CYS D 408 -16.64 -9.47 -35.35
CA CYS D 408 -18.03 -9.03 -35.28
C CYS D 408 -18.91 -10.15 -34.77
N SER D 409 -18.61 -11.39 -35.15
CA SER D 409 -19.39 -12.53 -34.66
C SER D 409 -19.28 -12.66 -33.15
N ILE D 410 -18.06 -12.58 -32.61
CA ILE D 410 -17.92 -12.72 -31.16
C ILE D 410 -18.51 -11.51 -30.45
N PHE D 411 -18.38 -10.32 -31.03
CA PHE D 411 -19.01 -9.14 -30.46
C PHE D 411 -20.51 -9.33 -30.35
N PHE D 412 -21.14 -9.78 -31.45
CA PHE D 412 -22.58 -9.98 -31.46
C PHE D 412 -23.01 -11.02 -30.44
N ILE D 413 -22.32 -12.17 -30.42
CA ILE D 413 -22.70 -13.24 -29.51
C ILE D 413 -22.57 -12.78 -28.07
N LEU D 414 -21.42 -12.20 -27.71
CA LEU D 414 -21.19 -11.80 -26.33
C LEU D 414 -22.14 -10.70 -25.90
N ASN D 415 -22.39 -9.72 -26.77
CA ASN D 415 -23.24 -8.61 -26.35
C ASN D 415 -24.70 -9.03 -26.25
N SER D 416 -25.16 -9.89 -27.17
CA SER D 416 -26.52 -10.41 -27.05
C SER D 416 -26.68 -11.24 -25.79
N ILE D 417 -25.69 -12.09 -25.47
CA ILE D 417 -25.83 -12.92 -24.29
C ILE D 417 -25.75 -12.09 -23.01
N ILE D 418 -24.93 -11.04 -22.99
CA ILE D 418 -24.88 -10.23 -21.78
C ILE D 418 -26.15 -9.42 -21.62
N VAL D 419 -26.75 -8.95 -22.71
CA VAL D 419 -28.06 -8.30 -22.59
C VAL D 419 -29.09 -9.27 -22.05
N TYR D 420 -29.11 -10.49 -22.59
CA TYR D 420 -30.10 -11.48 -22.17
C TYR D 420 -29.91 -11.89 -20.71
N LYS D 421 -28.67 -11.95 -20.25
CA LYS D 421 -28.40 -12.30 -18.86
C LYS D 421 -28.45 -11.10 -17.92
N LEU D 422 -28.53 -9.89 -18.46
CA LEU D 422 -28.75 -8.70 -17.65
C LEU D 422 -30.23 -8.37 -17.50
N ARG D 423 -31.07 -8.78 -18.44
CA ARG D 423 -32.50 -8.48 -18.37
C ARG D 423 -33.31 -9.59 -17.72
N ARG D 424 -32.97 -10.86 -17.97
CA ARG D 424 -33.91 -11.94 -17.69
C ARG D 424 -33.68 -12.63 -16.35
N LYS D 425 -32.45 -13.04 -16.07
CA LYS D 425 -32.23 -14.04 -15.01
C LYS D 425 -32.62 -13.51 -13.63
N SER D 426 -32.15 -12.31 -13.26
CA SER D 426 -32.33 -11.82 -11.90
C SER D 426 -33.54 -10.91 -11.76
N ASN D 427 -33.52 -9.75 -12.43
CA ASN D 427 -34.54 -8.72 -12.29
C ASN D 427 -34.86 -8.46 -10.81
N PHE D 428 -33.82 -8.51 -9.97
CA PHE D 428 -34.04 -8.47 -8.52
C PHE D 428 -34.45 -7.07 -8.06
N ARG D 429 -33.75 -6.05 -8.55
CA ARG D 429 -34.02 -4.67 -8.16
C ARG D 429 -34.95 -3.95 -9.12
N LEU D 430 -35.33 -4.60 -10.23
CA LEU D 430 -36.20 -4.01 -11.25
C LEU D 430 -35.63 -2.68 -11.75
N ARG D 431 -34.38 -2.75 -12.21
CA ARG D 431 -33.68 -1.57 -12.72
C ARG D 431 -34.03 -1.34 -14.18
N GLY D 432 -34.53 -0.14 -14.47
CA GLY D 432 -34.85 0.22 -15.84
C GLY D 432 -33.79 1.09 -16.49
N TYR D 433 -33.34 2.12 -15.77
CA TYR D 433 -32.39 3.08 -16.34
C TYR D 433 -31.06 2.41 -16.67
N SER D 434 -30.50 1.65 -15.73
CA SER D 434 -29.22 1.01 -15.96
C SER D 434 -29.28 0.01 -17.10
N THR D 435 -30.34 -0.82 -17.12
CA THR D 435 -30.49 -1.79 -18.20
C THR D 435 -30.66 -1.12 -19.55
N GLY D 436 -31.46 -0.06 -19.62
CA GLY D 436 -31.62 0.65 -20.88
C GLY D 436 -30.34 1.29 -21.36
N LYS D 437 -29.60 1.92 -20.45
CA LYS D 437 -28.34 2.55 -20.84
C LYS D 437 -27.34 1.50 -21.31
N THR D 438 -27.22 0.39 -20.59
CA THR D 438 -26.29 -0.67 -21.00
C THR D 438 -26.67 -1.25 -22.35
N THR D 439 -27.96 -1.52 -22.56
CA THR D 439 -28.40 -2.07 -23.84
C THR D 439 -28.13 -1.10 -24.97
N ALA D 440 -28.40 0.18 -24.75
CA ALA D 440 -28.15 1.19 -25.78
C ALA D 440 -26.67 1.26 -26.11
N ILE D 441 -25.81 1.24 -25.09
CA ILE D 441 -24.38 1.34 -25.33
C ILE D 441 -23.89 0.12 -26.12
N LEU D 442 -24.31 -1.07 -25.71
CA LEU D 442 -23.86 -2.28 -26.40
C LEU D 442 -24.35 -2.30 -27.84
N PHE D 443 -25.59 -1.90 -28.08
CA PHE D 443 -26.11 -1.85 -29.44
C PHE D 443 -25.36 -0.83 -30.27
N THR D 444 -25.09 0.34 -29.71
CA THR D 444 -24.33 1.36 -30.43
C THR D 444 -22.86 1.01 -30.57
N ILE D 445 -22.38 -0.03 -29.89
CA ILE D 445 -21.05 -0.55 -30.16
C ILE D 445 -21.11 -1.52 -31.33
N THR D 446 -21.94 -2.56 -31.20
CA THR D 446 -21.99 -3.60 -32.22
C THR D 446 -22.42 -3.05 -33.57
N SER D 447 -23.55 -2.31 -33.59
CA SER D 447 -24.06 -1.79 -34.84
C SER D 447 -23.09 -0.83 -35.48
N ILE D 448 -22.44 0.02 -34.68
CA ILE D 448 -21.56 1.03 -35.27
C ILE D 448 -20.32 0.35 -35.85
N PHE D 449 -19.80 -0.67 -35.16
CA PHE D 449 -18.65 -1.39 -35.69
C PHE D 449 -19.00 -2.07 -37.01
N ALA D 450 -20.13 -2.79 -37.03
CA ALA D 450 -20.52 -3.49 -38.25
C ALA D 450 -20.75 -2.50 -39.40
N THR D 451 -21.45 -1.41 -39.12
CA THR D 451 -21.79 -0.46 -40.18
C THR D 451 -20.56 0.25 -40.71
N LEU D 452 -19.62 0.62 -39.84
CA LEU D 452 -18.44 1.32 -40.32
C LEU D 452 -17.47 0.37 -41.02
N TRP D 453 -17.45 -0.91 -40.64
CA TRP D 453 -16.53 -1.81 -41.31
C TRP D 453 -17.18 -2.59 -42.44
N ALA D 454 -18.44 -2.32 -42.74
CA ALA D 454 -19.09 -2.98 -43.86
C ALA D 454 -18.42 -2.66 -45.20
N PRO D 455 -18.45 -1.41 -45.69
CA PRO D 455 -18.10 -1.18 -47.11
C PRO D 455 -16.68 -1.59 -47.47
N ARG D 456 -15.74 -1.39 -46.54
CA ARG D 456 -14.34 -1.74 -46.78
C ARG D 456 -14.14 -3.23 -47.00
N ILE D 457 -15.11 -4.05 -46.59
CA ILE D 457 -15.03 -5.49 -46.78
C ILE D 457 -15.95 -5.88 -47.94
N ILE D 458 -17.05 -5.15 -48.08
CA ILE D 458 -18.01 -5.47 -49.13
C ILE D 458 -17.39 -5.27 -50.50
N MET D 459 -16.63 -4.19 -50.69
CA MET D 459 -15.96 -4.03 -51.97
C MET D 459 -14.87 -5.06 -52.22
N ILE D 460 -14.18 -5.53 -51.19
CA ILE D 460 -13.23 -6.62 -51.41
C ILE D 460 -13.96 -7.87 -51.88
N LEU D 461 -15.09 -8.19 -51.24
CA LEU D 461 -15.85 -9.35 -51.65
C LEU D 461 -16.36 -9.21 -53.08
N TYR D 462 -16.80 -8.02 -53.46
CA TYR D 462 -17.27 -7.80 -54.83
C TYR D 462 -16.12 -7.85 -55.82
N HIS D 463 -14.94 -7.34 -55.43
CA HIS D 463 -13.76 -7.44 -56.29
C HIS D 463 -13.39 -8.89 -56.55
N LEU D 464 -13.43 -9.72 -55.50
CA LEU D 464 -13.05 -11.12 -55.67
C LEU D 464 -14.11 -11.90 -56.43
N TYR D 465 -15.32 -11.98 -55.88
CA TYR D 465 -16.35 -12.87 -56.42
C TYR D 465 -17.43 -12.17 -57.24
N GLY D 466 -17.56 -10.85 -57.13
CA GLY D 466 -18.61 -10.16 -57.83
C GLY D 466 -18.44 -10.12 -59.34
N ALA D 467 -17.44 -9.36 -59.82
CA ALA D 467 -17.25 -9.17 -61.25
C ALA D 467 -15.94 -8.46 -61.54
N PRO D 468 -15.48 -8.45 -62.79
CA PRO D 468 -14.30 -7.65 -63.16
C PRO D 468 -14.62 -6.22 -63.54
N ILE D 469 -15.78 -5.72 -63.10
CA ILE D 469 -16.38 -4.47 -63.56
C ILE D 469 -15.37 -3.34 -63.71
N GLN D 470 -15.53 -2.55 -64.77
CA GLN D 470 -14.62 -1.47 -65.15
C GLN D 470 -14.84 -0.24 -64.28
N ASN D 471 -14.36 0.92 -64.74
CA ASN D 471 -14.35 2.17 -63.97
C ASN D 471 -13.48 2.02 -62.73
N ARG D 472 -12.17 1.89 -63.01
CA ARG D 472 -11.16 1.89 -61.96
C ARG D 472 -11.25 3.13 -61.07
N TRP D 473 -11.73 4.26 -61.63
CA TRP D 473 -11.88 5.47 -60.85
C TRP D 473 -12.89 5.27 -59.70
N LEU D 474 -14.01 4.62 -59.99
CA LEU D 474 -15.00 4.35 -58.94
C LEU D 474 -14.40 3.54 -57.81
N VAL D 475 -13.48 2.63 -58.14
CA VAL D 475 -12.81 1.85 -57.11
C VAL D 475 -12.09 2.79 -56.15
N HIS D 476 -11.30 3.72 -56.70
CA HIS D 476 -10.59 4.67 -55.85
C HIS D 476 -11.56 5.46 -54.99
N ILE D 477 -12.63 5.99 -55.60
CA ILE D 477 -13.56 6.84 -54.87
C ILE D 477 -14.17 6.09 -53.69
N MET D 478 -14.88 5.00 -53.97
CA MET D 478 -15.63 4.39 -52.88
C MET D 478 -14.72 3.61 -51.95
N SER D 479 -13.58 3.11 -52.42
CA SER D 479 -12.63 2.49 -51.50
C SER D 479 -12.08 3.53 -50.53
N ASP D 480 -11.82 4.75 -51.00
CA ASP D 480 -11.40 5.81 -50.10
C ASP D 480 -12.48 6.11 -49.08
N ILE D 481 -13.76 6.15 -49.52
CA ILE D 481 -14.80 6.44 -48.53
C ILE D 481 -14.94 5.30 -47.53
N ALA D 482 -14.77 4.06 -47.98
CA ALA D 482 -14.84 2.92 -47.07
C ALA D 482 -13.71 2.96 -46.06
N ASN D 483 -12.51 3.31 -46.50
CA ASN D 483 -11.39 3.42 -45.57
C ASN D 483 -11.63 4.54 -44.56
N MET D 484 -12.19 5.67 -45.02
CA MET D 484 -12.49 6.74 -44.08
C MET D 484 -13.48 6.29 -43.02
N LEU D 485 -14.52 5.56 -43.42
CA LEU D 485 -15.46 5.05 -42.42
C LEU D 485 -14.79 4.08 -41.46
N ALA D 486 -13.97 3.17 -41.98
CA ALA D 486 -13.30 2.19 -41.13
C ALA D 486 -12.42 2.87 -40.10
N LEU D 487 -11.71 3.93 -40.48
CA LEU D 487 -10.87 4.63 -39.52
C LEU D 487 -11.65 5.57 -38.61
N LEU D 488 -12.81 6.06 -39.06
CA LEU D 488 -13.69 6.75 -38.13
C LEU D 488 -14.13 5.83 -37.01
N ASN D 489 -14.26 4.53 -37.31
CA ASN D 489 -14.55 3.56 -36.27
C ASN D 489 -13.49 3.60 -35.16
N THR D 490 -12.21 3.52 -35.54
CA THR D 490 -11.15 3.51 -34.54
C THR D 490 -10.95 4.88 -33.92
N ALA D 491 -11.46 5.94 -34.55
CA ALA D 491 -11.50 7.24 -33.88
C ALA D 491 -12.53 7.24 -32.76
N ILE D 492 -13.74 6.74 -33.05
CA ILE D 492 -14.83 6.84 -32.08
C ILE D 492 -14.81 5.74 -31.03
N ASN D 493 -13.95 4.73 -31.18
CA ASN D 493 -13.81 3.76 -30.10
C ASN D 493 -13.39 4.43 -28.80
N PHE D 494 -12.58 5.49 -28.88
CA PHE D 494 -12.20 6.24 -27.68
C PHE D 494 -13.44 6.67 -26.89
N PHE D 495 -14.31 7.44 -27.54
CA PHE D 495 -15.54 7.86 -26.89
C PHE D 495 -16.33 6.67 -26.42
N LEU D 496 -16.62 5.74 -27.33
CA LEU D 496 -17.58 4.68 -27.09
C LEU D 496 -17.10 3.67 -26.05
N TYR D 497 -15.83 3.69 -25.68
CA TYR D 497 -15.31 2.77 -24.68
C TYR D 497 -14.93 3.45 -23.37
N CYS D 498 -14.24 4.58 -23.41
CA CYS D 498 -13.79 5.19 -22.17
C CYS D 498 -14.51 6.49 -21.79
N PHE D 499 -15.10 7.20 -22.76
CA PHE D 499 -15.80 8.43 -22.39
C PHE D 499 -17.13 8.15 -21.72
N ILE D 500 -17.71 6.97 -21.95
CA ILE D 500 -18.98 6.63 -21.33
C ILE D 500 -18.82 6.45 -19.83
N SER D 501 -17.69 5.88 -19.40
CA SER D 501 -17.50 5.55 -18.00
C SER D 501 -17.49 6.80 -17.15
N LYS D 502 -18.46 6.89 -16.22
CA LYS D 502 -18.46 8.00 -15.27
C LYS D 502 -17.25 7.95 -14.37
N ARG D 503 -16.82 6.74 -13.99
CA ARG D 503 -15.60 6.60 -13.21
C ARG D 503 -14.40 7.10 -13.99
N PHE D 504 -14.32 6.78 -15.28
CA PHE D 504 -13.21 7.28 -16.09
C PHE D 504 -13.27 8.80 -16.24
N ARG D 505 -14.47 9.36 -16.38
CA ARG D 505 -14.58 10.81 -16.48
C ARG D 505 -14.13 11.49 -15.19
N THR D 506 -14.53 10.96 -14.04
CA THR D 506 -14.09 11.51 -12.77
C THR D 506 -12.58 11.39 -12.61
N MET D 507 -12.02 10.23 -12.98
CA MET D 507 -10.58 10.06 -12.91
C MET D 507 -9.86 11.01 -13.85
N ALA D 508 -10.45 11.26 -15.02
CA ALA D 508 -9.85 12.21 -15.97
C ALA D 508 -9.83 13.61 -15.39
N ALA D 509 -10.94 14.03 -14.77
CA ALA D 509 -10.97 15.34 -14.13
C ALA D 509 -9.93 15.43 -13.02
N ALA D 510 -9.83 14.38 -12.20
CA ALA D 510 -8.87 14.39 -11.10
C ALA D 510 -7.44 14.45 -11.61
N THR D 511 -7.12 13.66 -12.65
CA THR D 511 -5.78 13.65 -13.20
C THR D 511 -5.44 14.99 -13.85
N LEU D 512 -6.39 15.59 -14.58
CA LEU D 512 -6.16 16.89 -15.19
C LEU D 512 -5.92 17.95 -14.12
N LYS D 513 -6.68 17.85 -13.02
CA LYS D 513 -6.57 18.82 -11.90
C LYS D 513 -5.18 18.73 -11.28
N ALA D 514 -4.84 17.56 -10.72
CA ALA D 514 -3.52 17.35 -10.09
C ALA D 514 -2.41 17.50 -11.14
N PHE D 515 -2.63 16.96 -12.34
CA PHE D 515 -1.64 17.04 -13.44
C PHE D 515 -1.45 18.51 -13.82
N PHE D 516 -2.55 19.27 -13.89
CA PHE D 516 -2.52 20.67 -14.36
C PHE D 516 -2.55 21.62 -13.16
N VAL E 2 17.82 -23.88 15.99
CA VAL E 2 18.15 -23.38 14.66
C VAL E 2 19.31 -24.18 14.06
N GLN E 3 19.22 -25.49 14.17
CA GLN E 3 20.24 -26.38 13.60
C GLN E 3 19.97 -26.57 12.12
N LEU E 4 21.04 -26.62 11.33
CA LEU E 4 20.95 -26.74 9.88
C LEU E 4 21.93 -27.84 9.49
N VAL E 5 21.45 -29.08 9.48
CA VAL E 5 22.31 -30.26 9.41
C VAL E 5 22.52 -30.67 7.96
N GLU E 6 23.78 -30.87 7.58
CA GLU E 6 24.13 -31.37 6.27
C GLU E 6 24.15 -32.90 6.26
N SER E 7 23.59 -33.48 5.20
CA SER E 7 23.60 -34.91 5.01
C SER E 7 24.17 -35.22 3.63
N GLY E 8 25.02 -36.23 3.55
CA GLY E 8 25.65 -36.62 2.31
C GLY E 8 27.17 -36.59 2.40
N GLY E 9 27.78 -37.27 1.44
CA GLY E 9 29.22 -37.35 1.39
C GLY E 9 29.72 -38.77 1.59
N GLY E 10 30.94 -39.00 1.13
CA GLY E 10 31.53 -40.32 1.21
C GLY E 10 32.75 -40.41 0.31
N LEU E 11 33.15 -41.65 0.03
CA LEU E 11 34.32 -41.92 -0.81
C LEU E 11 33.87 -42.03 -2.27
N VAL E 12 33.82 -40.89 -2.93
CA VAL E 12 33.39 -40.81 -4.32
C VAL E 12 34.59 -41.01 -5.22
N GLN E 13 34.41 -41.83 -6.25
CA GLN E 13 35.49 -42.08 -7.21
C GLN E 13 35.73 -40.84 -8.07
N PRO E 14 36.95 -40.64 -8.55
CA PRO E 14 37.21 -39.51 -9.44
C PRO E 14 36.35 -39.58 -10.68
N GLY E 15 35.82 -38.42 -11.09
CA GLY E 15 34.89 -38.38 -12.20
C GLY E 15 33.48 -38.80 -11.85
N GLY E 16 33.20 -39.06 -10.58
CA GLY E 16 31.87 -39.47 -10.15
C GLY E 16 30.95 -38.28 -9.94
N SER E 17 29.82 -38.56 -9.29
CA SER E 17 28.84 -37.51 -9.04
C SER E 17 28.02 -37.88 -7.81
N ARG E 18 27.54 -36.86 -7.12
CA ARG E 18 26.71 -37.03 -5.94
C ARG E 18 25.89 -35.77 -5.73
N LYS E 19 25.07 -35.78 -4.67
CA LYS E 19 24.24 -34.64 -4.30
C LYS E 19 24.35 -34.43 -2.80
N LEU E 20 24.51 -33.17 -2.41
CA LEU E 20 24.63 -32.80 -0.99
C LEU E 20 23.39 -32.03 -0.57
N SER E 21 22.75 -32.49 0.49
CA SER E 21 21.50 -31.92 0.97
C SER E 21 21.65 -31.52 2.43
N CYS E 22 21.14 -30.34 2.76
CA CYS E 22 21.14 -29.83 4.12
C CYS E 22 19.72 -29.43 4.51
N SER E 23 19.29 -29.88 5.68
CA SER E 23 17.89 -29.73 6.13
C SER E 23 17.82 -28.64 7.17
N ALA E 24 17.22 -27.50 6.78
CA ALA E 24 17.02 -26.41 7.72
C ALA E 24 15.86 -26.71 8.64
N SER E 25 16.05 -26.50 9.94
CA SER E 25 15.03 -26.81 10.93
C SER E 25 15.06 -25.74 12.02
N GLY E 26 14.20 -24.74 11.90
CA GLY E 26 14.08 -23.74 12.93
C GLY E 26 14.21 -22.30 12.50
N PHE E 27 14.00 -22.02 11.21
CA PHE E 27 13.98 -20.64 10.74
C PHE E 27 13.27 -20.58 9.41
N ALA E 28 13.13 -19.35 8.89
CA ALA E 28 12.44 -19.08 7.63
C ALA E 28 13.37 -19.40 6.48
N PHE E 29 13.37 -20.67 6.07
CA PHE E 29 14.18 -21.09 4.93
C PHE E 29 13.73 -20.39 3.65
N SER E 30 12.42 -20.21 3.48
CA SER E 30 11.90 -19.59 2.26
C SER E 30 12.37 -18.16 2.09
N SER E 31 12.76 -17.49 3.19
CA SER E 31 13.25 -16.12 3.12
C SER E 31 14.76 -16.01 3.22
N PHE E 32 15.43 -16.98 3.84
CA PHE E 32 16.89 -16.95 3.92
C PHE E 32 17.50 -17.41 2.60
N GLY E 33 18.49 -16.66 2.12
CA GLY E 33 19.26 -17.06 0.96
C GLY E 33 20.48 -17.85 1.36
N MET E 34 20.70 -19.00 0.74
CA MET E 34 21.67 -19.95 1.22
C MET E 34 22.94 -19.95 0.39
N HIS E 35 24.08 -20.14 1.06
CA HIS E 35 25.39 -20.19 0.45
C HIS E 35 26.02 -21.55 0.72
N TRP E 36 26.85 -21.98 -0.22
CA TRP E 36 27.66 -23.18 -0.05
C TRP E 36 29.13 -22.79 -0.03
N VAL E 37 29.84 -23.19 1.01
CA VAL E 37 31.27 -22.97 1.11
C VAL E 37 31.94 -24.28 1.46
N ARG E 38 33.19 -24.43 1.02
CA ARG E 38 33.95 -25.65 1.23
C ARG E 38 35.31 -25.32 1.80
N GLN E 39 35.86 -26.26 2.56
CA GLN E 39 37.15 -26.06 3.22
C GLN E 39 38.01 -27.28 2.99
N ALA E 40 39.19 -27.07 2.40
CA ALA E 40 40.13 -28.14 2.16
C ALA E 40 40.49 -28.82 3.48
N PRO E 41 41.05 -30.03 3.42
CA PRO E 41 41.31 -30.77 4.67
C PRO E 41 42.16 -30.01 5.69
N GLU E 42 43.13 -29.23 5.24
CA GLU E 42 43.96 -28.48 6.18
C GLU E 42 44.20 -27.04 5.74
N LYS E 43 43.37 -26.51 4.86
CA LYS E 43 43.55 -25.17 4.31
C LYS E 43 42.35 -24.30 4.67
N GLY E 44 42.28 -23.12 4.08
CA GLY E 44 41.24 -22.17 4.36
C GLY E 44 39.95 -22.49 3.64
N LEU E 45 39.06 -21.50 3.59
CA LEU E 45 37.73 -21.68 3.05
C LEU E 45 37.65 -21.24 1.60
N GLU E 46 36.54 -21.58 0.95
CA GLU E 46 36.35 -21.27 -0.46
C GLU E 46 34.87 -21.29 -0.78
N TRP E 47 34.35 -20.20 -1.32
CA TRP E 47 32.95 -20.12 -1.72
C TRP E 47 32.67 -21.06 -2.88
N VAL E 48 31.45 -21.59 -2.92
CA VAL E 48 31.08 -22.55 -3.96
C VAL E 48 29.89 -22.08 -4.78
N ALA E 49 28.74 -21.92 -4.15
CA ALA E 49 27.50 -21.65 -4.88
C ALA E 49 26.66 -20.66 -4.09
N TYR E 50 25.42 -20.45 -4.56
CA TYR E 50 24.48 -19.55 -3.92
C TYR E 50 23.10 -19.75 -4.53
N ILE E 51 22.07 -19.69 -3.69
CA ILE E 51 20.69 -19.59 -4.15
C ILE E 51 20.01 -18.49 -3.35
N SER E 52 19.47 -17.49 -4.06
CA SER E 52 18.75 -16.42 -3.40
C SER E 52 17.37 -16.90 -3.00
N SER E 53 16.67 -16.07 -2.22
CA SER E 53 15.29 -16.37 -1.88
C SER E 53 14.47 -16.50 -3.15
N GLY E 54 13.67 -17.56 -3.23
CA GLY E 54 12.90 -17.84 -4.42
C GLY E 54 13.68 -18.50 -5.54
N SER E 55 14.96 -18.82 -5.31
CA SER E 55 15.81 -19.46 -6.31
C SER E 55 15.85 -18.68 -7.62
N GLY E 56 15.84 -17.35 -7.51
CA GLY E 56 15.87 -16.48 -8.67
C GLY E 56 17.23 -15.99 -9.08
N THR E 57 18.25 -16.21 -8.25
CA THR E 57 19.60 -15.75 -8.55
C THR E 57 20.58 -16.80 -8.07
N ILE E 58 21.20 -17.50 -9.02
CA ILE E 58 22.17 -18.55 -8.72
C ILE E 58 23.52 -18.11 -9.29
N TYR E 59 24.50 -17.95 -8.42
CA TYR E 59 25.85 -17.54 -8.80
C TYR E 59 26.84 -18.60 -8.33
N TYR E 60 27.87 -18.84 -9.13
CA TYR E 60 28.78 -19.93 -8.93
C TYR E 60 30.22 -19.44 -8.88
N ALA E 61 31.06 -20.24 -8.24
CA ALA E 61 32.49 -20.00 -8.27
C ALA E 61 33.07 -20.45 -9.61
N ASP E 62 34.26 -19.94 -9.93
CA ASP E 62 34.89 -20.27 -11.20
C ASP E 62 35.22 -21.75 -11.29
N THR E 63 35.70 -22.34 -10.19
CA THR E 63 36.13 -23.74 -10.22
C THR E 63 34.95 -24.68 -10.42
N VAL E 64 33.79 -24.34 -9.84
CA VAL E 64 32.63 -25.22 -9.86
C VAL E 64 31.62 -24.84 -10.92
N LYS E 65 31.90 -23.82 -11.72
CA LYS E 65 30.95 -23.37 -12.72
C LYS E 65 30.71 -24.45 -13.77
N GLY E 66 29.44 -24.70 -14.08
CA GLY E 66 29.09 -25.71 -15.03
C GLY E 66 29.13 -27.11 -14.44
N ARG E 67 30.17 -27.40 -13.67
CA ARG E 67 30.28 -28.71 -13.03
C ARG E 67 29.16 -28.95 -12.03
N PHE E 68 28.87 -27.95 -11.20
CA PHE E 68 27.95 -28.12 -10.08
C PHE E 68 26.61 -27.47 -10.40
N THR E 69 25.53 -28.16 -10.04
CA THR E 69 24.17 -27.64 -10.18
C THR E 69 23.53 -27.61 -8.79
N ILE E 70 23.12 -26.43 -8.35
CA ILE E 70 22.55 -26.23 -7.02
C ILE E 70 21.04 -26.08 -7.14
N SER E 71 20.33 -26.61 -6.15
CA SER E 71 18.87 -26.60 -6.17
C SER E 71 18.35 -26.30 -4.76
N ARG E 72 17.16 -25.73 -4.72
CA ARG E 72 16.51 -25.32 -3.47
C ARG E 72 15.13 -25.92 -3.39
N ASP E 73 14.75 -26.39 -2.21
CA ASP E 73 13.45 -27.04 -1.97
C ASP E 73 12.82 -26.43 -0.72
N ASP E 74 12.00 -25.40 -0.94
CA ASP E 74 11.35 -24.73 0.20
C ASP E 74 10.43 -25.63 1.01
N PRO E 75 9.46 -26.34 0.41
CA PRO E 75 8.49 -27.07 1.25
C PRO E 75 9.13 -28.08 2.19
N LYS E 76 10.21 -28.74 1.77
CA LYS E 76 10.91 -29.68 2.64
C LYS E 76 11.98 -29.01 3.48
N ASN E 77 12.17 -27.70 3.32
CA ASN E 77 13.18 -26.94 4.07
C ASN E 77 14.57 -27.57 3.90
N THR E 78 14.90 -27.96 2.68
CA THR E 78 16.18 -28.58 2.38
C THR E 78 16.80 -27.94 1.16
N LEU E 79 18.11 -27.75 1.19
CA LEU E 79 18.87 -27.18 0.08
C LEU E 79 19.81 -28.23 -0.49
N PHE E 80 19.83 -28.36 -1.81
CA PHE E 80 20.59 -29.38 -2.49
C PHE E 80 21.83 -28.80 -3.16
N LEU E 81 22.70 -29.68 -3.62
CA LEU E 81 23.85 -29.30 -4.44
C LEU E 81 24.24 -30.54 -5.24
N GLN E 82 23.87 -30.58 -6.52
CA GLN E 82 24.21 -31.69 -7.38
C GLN E 82 25.54 -31.40 -8.05
N MET E 83 26.49 -32.34 -7.90
CA MET E 83 27.86 -32.17 -8.33
C MET E 83 28.17 -33.16 -9.45
N THR E 84 28.65 -32.64 -10.58
CA THR E 84 28.94 -33.45 -11.76
C THR E 84 30.42 -33.34 -12.12
N SER E 85 31.00 -34.47 -12.51
CA SER E 85 32.40 -34.56 -12.91
C SER E 85 33.32 -34.07 -11.79
N LEU E 86 33.31 -34.81 -10.69
CA LEU E 86 34.12 -34.46 -9.53
C LEU E 86 35.60 -34.67 -9.83
N ARG E 87 36.39 -33.64 -9.59
CA ARG E 87 37.82 -33.71 -9.82
C ARG E 87 38.52 -34.14 -8.53
N SER E 88 39.86 -34.15 -8.55
CA SER E 88 40.64 -34.54 -7.38
C SER E 88 40.79 -33.42 -6.37
N GLU E 89 40.30 -32.23 -6.68
CA GLU E 89 40.45 -31.07 -5.81
C GLU E 89 39.12 -30.60 -5.23
N ASP E 90 38.06 -31.38 -5.38
CA ASP E 90 36.78 -31.05 -4.77
C ASP E 90 36.61 -31.68 -3.41
N THR E 91 37.59 -32.42 -2.92
CA THR E 91 37.53 -32.93 -1.55
C THR E 91 37.60 -31.77 -0.58
N ALA E 92 36.70 -31.77 0.40
CA ALA E 92 36.57 -30.69 1.36
C ALA E 92 35.54 -31.11 2.40
N MET E 93 35.37 -30.26 3.40
CA MET E 93 34.29 -30.40 4.38
C MET E 93 33.32 -29.26 4.08
N TYR E 94 32.38 -29.54 3.18
CA TYR E 94 31.47 -28.51 2.69
C TYR E 94 30.61 -27.98 3.83
N TYR E 95 30.33 -26.68 3.78
CA TYR E 95 29.54 -26.02 4.81
C TYR E 95 28.36 -25.30 4.16
N CYS E 96 27.20 -25.42 4.78
CA CYS E 96 26.01 -24.70 4.35
C CYS E 96 25.87 -23.43 5.18
N VAL E 97 25.64 -22.31 4.51
CA VAL E 97 25.57 -21.02 5.16
C VAL E 97 24.29 -20.33 4.74
N ARG E 98 23.47 -19.96 5.73
CA ARG E 98 22.32 -19.11 5.47
C ARG E 98 22.74 -17.65 5.48
N SER E 99 22.01 -16.84 4.73
CA SER E 99 22.32 -15.42 4.62
C SER E 99 21.06 -14.68 4.23
N ILE E 100 20.65 -13.72 5.04
CA ILE E 100 19.49 -12.88 4.78
C ILE E 100 19.98 -11.49 4.43
N TYR E 101 19.42 -10.90 3.38
CA TYR E 101 19.92 -9.65 2.81
C TYR E 101 18.83 -8.59 2.90
N TYR E 102 19.01 -7.66 3.83
CA TYR E 102 18.21 -6.45 3.91
C TYR E 102 19.03 -5.42 4.68
N TYR E 103 18.49 -4.22 4.82
CA TYR E 103 19.21 -3.18 5.54
C TYR E 103 19.38 -3.58 7.00
N GLY E 104 20.60 -3.48 7.50
CA GLY E 104 20.88 -3.83 8.87
C GLY E 104 20.96 -5.31 9.15
N SER E 105 20.97 -6.14 8.12
CA SER E 105 20.96 -7.58 8.29
C SER E 105 22.35 -8.08 8.69
N SER E 106 22.44 -9.37 9.00
CA SER E 106 23.70 -10.03 9.35
C SER E 106 23.85 -11.25 8.46
N PRO E 107 24.30 -11.08 7.22
CA PRO E 107 24.49 -12.22 6.33
C PRO E 107 25.59 -13.14 6.85
N PHE E 108 25.50 -14.40 6.45
CA PHE E 108 26.48 -15.42 6.84
C PHE E 108 26.51 -15.59 8.35
N ASP E 109 25.32 -15.49 8.97
CA ASP E 109 25.24 -15.48 10.42
C ASP E 109 25.40 -16.88 11.01
N PHE E 110 24.52 -17.80 10.64
CA PHE E 110 24.59 -19.16 11.16
C PHE E 110 25.18 -20.08 10.11
N TRP E 111 26.08 -20.95 10.56
CA TRP E 111 26.77 -21.90 9.70
C TRP E 111 26.43 -23.32 10.13
N GLY E 112 26.13 -24.17 9.17
CA GLY E 112 25.83 -25.55 9.47
C GLY E 112 27.06 -26.29 9.94
N GLN E 113 26.82 -27.50 10.47
CA GLN E 113 27.92 -28.30 10.98
C GLN E 113 28.79 -28.86 9.87
N GLY E 114 28.27 -28.95 8.65
CA GLY E 114 29.07 -29.38 7.52
C GLY E 114 29.18 -30.88 7.37
N THR E 115 29.53 -31.34 6.17
CA THR E 115 29.74 -32.75 5.90
C THR E 115 31.05 -32.93 5.15
N THR E 116 31.65 -34.10 5.29
CA THR E 116 32.95 -34.37 4.71
C THR E 116 32.79 -35.07 3.36
N LEU E 117 33.74 -34.81 2.47
CA LEU E 117 33.76 -35.42 1.15
C LEU E 117 35.16 -35.95 0.87
N THR E 118 35.24 -37.08 0.18
CA THR E 118 36.51 -37.74 -0.11
C THR E 118 36.55 -38.13 -1.57
N VAL E 119 37.47 -37.53 -2.33
CA VAL E 119 37.75 -37.93 -3.70
C VAL E 119 39.10 -38.63 -3.71
N SER E 120 39.11 -39.89 -4.13
CA SER E 120 40.33 -40.68 -4.11
C SER E 120 41.26 -40.26 -5.24
N SER E 121 42.39 -40.94 -5.35
CA SER E 121 43.38 -40.64 -6.38
C SER E 121 42.84 -40.93 -7.78
N SER E 136 40.60 -10.27 -11.81
CA SER E 136 39.14 -10.28 -11.84
C SER E 136 38.57 -10.71 -10.49
N ASP E 137 39.45 -11.01 -9.54
CA ASP E 137 39.06 -11.46 -8.22
C ASP E 137 39.75 -10.59 -7.17
N ILE E 138 39.10 -10.46 -6.02
CA ILE E 138 39.62 -9.64 -4.93
C ILE E 138 40.48 -10.53 -4.03
N VAL E 139 41.79 -10.34 -4.09
CA VAL E 139 42.71 -11.14 -3.28
C VAL E 139 42.75 -10.56 -1.88
N MET E 140 42.38 -11.36 -0.89
CA MET E 140 42.43 -10.97 0.51
C MET E 140 43.50 -11.80 1.21
N THR E 141 44.42 -11.13 1.88
CA THR E 141 45.57 -11.78 2.50
C THR E 141 45.60 -11.49 3.99
N GLN E 142 46.01 -12.48 4.77
CA GLN E 142 46.22 -12.34 6.20
C GLN E 142 47.69 -12.56 6.51
N ALA E 143 48.26 -11.67 7.32
CA ALA E 143 49.71 -11.61 7.50
C ALA E 143 50.21 -12.75 8.38
N THR E 144 51.18 -13.51 7.85
CA THR E 144 51.99 -14.47 8.58
C THR E 144 51.21 -15.72 8.99
N SER E 145 49.88 -15.69 8.84
CA SER E 145 49.03 -16.85 9.01
C SER E 145 49.10 -17.45 10.41
N SER E 146 49.85 -16.83 11.32
CA SER E 146 50.04 -17.38 12.65
C SER E 146 50.37 -16.25 13.62
N VAL E 147 49.76 -16.30 14.81
CA VAL E 147 49.98 -15.32 15.85
C VAL E 147 50.12 -16.03 17.19
N PRO E 148 51.22 -15.85 17.92
CA PRO E 148 51.32 -16.45 19.26
C PRO E 148 50.69 -15.54 20.31
N VAL E 149 49.74 -16.09 21.07
CA VAL E 149 48.96 -15.33 22.03
C VAL E 149 48.92 -16.06 23.35
N THR E 150 48.55 -15.33 24.40
CA THR E 150 48.35 -15.85 25.73
C THR E 150 47.05 -15.33 26.29
N PRO E 151 46.37 -16.09 27.15
CA PRO E 151 45.08 -15.64 27.67
C PRO E 151 45.21 -14.36 28.49
N GLY E 152 44.20 -13.50 28.37
CA GLY E 152 44.16 -12.25 29.11
C GLY E 152 44.82 -11.07 28.43
N GLU E 153 45.50 -11.29 27.31
CA GLU E 153 46.17 -10.20 26.60
C GLU E 153 45.22 -9.63 25.55
N SER E 154 45.76 -8.80 24.66
CA SER E 154 45.01 -8.26 23.53
C SER E 154 45.78 -8.54 22.25
N VAL E 155 45.05 -8.88 21.19
CA VAL E 155 45.66 -9.21 19.91
C VAL E 155 44.87 -8.52 18.80
N SER E 156 45.59 -7.99 17.82
CA SER E 156 45.01 -7.26 16.69
C SER E 156 45.29 -8.04 15.42
N ILE E 157 44.28 -8.74 14.91
CA ILE E 157 44.41 -9.52 13.69
C ILE E 157 44.06 -8.62 12.52
N SER E 158 44.93 -8.58 11.52
CA SER E 158 44.79 -7.69 10.38
C SER E 158 44.80 -8.49 9.08
N CYS E 159 44.01 -8.02 8.11
CA CYS E 159 43.99 -8.64 6.79
C CYS E 159 43.71 -7.58 5.74
N ARG E 160 44.50 -7.59 4.68
CA ARG E 160 44.38 -6.59 3.62
C ARG E 160 43.44 -7.10 2.53
N SER E 161 43.39 -6.38 1.42
CA SER E 161 42.55 -6.75 0.27
C SER E 161 43.28 -6.34 -1.00
N SER E 162 42.61 -6.51 -2.13
CA SER E 162 43.15 -6.11 -3.42
C SER E 162 42.44 -4.91 -4.02
N LYS E 163 41.20 -4.65 -3.63
CA LYS E 163 40.44 -3.50 -4.08
C LYS E 163 39.75 -2.85 -2.89
N SER E 164 39.48 -1.55 -3.01
CA SER E 164 38.80 -0.83 -1.95
C SER E 164 37.38 -1.36 -1.75
N LEU E 165 37.08 -1.80 -0.53
CA LEU E 165 35.79 -2.39 -0.22
C LEU E 165 34.72 -1.36 0.09
N LEU E 166 35.08 -0.09 0.21
CA LEU E 166 34.12 0.95 0.57
C LEU E 166 33.31 1.32 -0.67
N HIS E 167 32.09 0.81 -0.74
CA HIS E 167 31.19 1.15 -1.83
C HIS E 167 30.68 2.58 -1.66
N SER E 168 30.01 3.08 -2.71
CA SER E 168 29.48 4.44 -2.67
C SER E 168 28.41 4.62 -1.61
N ASN E 169 27.78 3.53 -1.16
CA ASN E 169 26.72 3.64 -0.16
C ASN E 169 27.24 3.73 1.26
N GLY E 170 28.56 3.63 1.45
CA GLY E 170 29.19 4.02 2.70
C GLY E 170 29.61 2.90 3.62
N ASN E 171 29.15 1.67 3.38
CA ASN E 171 29.46 0.55 4.26
C ASN E 171 30.51 -0.36 3.62
N THR E 172 31.59 -0.61 4.35
CA THR E 172 32.62 -1.52 3.88
C THR E 172 32.12 -2.96 4.01
N TYR E 173 32.31 -3.74 2.95
CA TYR E 173 31.69 -5.06 2.85
C TYR E 173 32.70 -6.13 3.24
N LEU E 174 33.10 -6.08 4.51
CA LEU E 174 34.03 -7.03 5.08
C LEU E 174 33.34 -7.84 6.17
N TYR E 175 33.83 -9.05 6.40
CA TYR E 175 33.29 -9.94 7.41
C TYR E 175 34.43 -10.55 8.22
N TRP E 176 34.06 -11.22 9.30
CA TRP E 176 35.03 -11.88 10.14
C TRP E 176 34.40 -13.13 10.74
N PHE E 177 35.12 -14.25 10.67
CA PHE E 177 34.62 -15.54 11.11
C PHE E 177 35.64 -16.20 12.03
N LEU E 178 35.14 -17.03 12.93
CA LEU E 178 35.97 -17.76 13.88
C LEU E 178 35.68 -19.24 13.75
N GLN E 179 36.73 -20.04 13.63
CA GLN E 179 36.61 -21.49 13.56
C GLN E 179 37.32 -22.10 14.76
N ARG E 180 36.56 -22.41 15.80
CA ARG E 180 37.10 -23.15 16.92
C ARG E 180 37.46 -24.56 16.47
N PRO E 181 38.49 -25.17 17.06
CA PRO E 181 38.94 -26.47 16.57
C PRO E 181 37.83 -27.52 16.61
N GLY E 182 37.61 -28.17 15.47
CA GLY E 182 36.56 -29.16 15.36
C GLY E 182 35.16 -28.58 15.48
N GLN E 183 34.91 -27.43 14.86
CA GLN E 183 33.60 -26.79 14.93
C GLN E 183 33.38 -26.03 13.63
N SER E 184 32.24 -25.40 13.55
CA SER E 184 31.89 -24.63 12.37
C SER E 184 32.22 -23.16 12.56
N PRO E 185 32.47 -22.44 11.46
CA PRO E 185 32.75 -21.00 11.59
C PRO E 185 31.54 -20.25 12.13
N GLN E 186 31.83 -19.17 12.85
CA GLN E 186 30.82 -18.28 13.37
C GLN E 186 30.86 -16.95 12.62
N LEU E 187 29.92 -16.08 12.94
CA LEU E 187 29.92 -14.71 12.45
C LEU E 187 30.36 -13.79 13.59
N LEU E 188 31.34 -12.94 13.33
CA LEU E 188 31.89 -12.05 14.35
C LEU E 188 31.59 -10.59 14.07
N ILE E 189 32.00 -10.09 12.90
CA ILE E 189 31.92 -8.68 12.58
C ILE E 189 31.30 -8.62 11.18
N TYR E 190 29.98 -8.40 11.10
CA TYR E 190 29.30 -8.56 9.82
C TYR E 190 29.35 -7.31 8.93
N ARG E 191 30.27 -6.40 9.20
CA ARG E 191 30.68 -5.28 8.34
C ARG E 191 31.78 -4.57 9.09
N MET E 192 32.48 -3.66 8.41
CA MET E 192 33.45 -2.83 9.12
C MET E 192 32.82 -2.18 10.33
N SER E 193 33.38 -2.50 11.51
CA SER E 193 32.91 -1.95 12.79
C SER E 193 31.47 -2.35 13.07
N ASN E 194 31.18 -3.64 12.99
CA ASN E 194 29.89 -4.17 13.40
C ASN E 194 30.07 -5.25 14.45
N LEU E 195 28.98 -5.92 14.84
CA LEU E 195 29.05 -6.97 15.84
C LEU E 195 27.85 -7.87 15.70
N ALA E 196 28.09 -9.18 15.68
CA ALA E 196 27.03 -10.15 15.45
C ALA E 196 26.24 -10.38 16.74
N SER E 197 25.19 -11.19 16.64
CA SER E 197 24.37 -11.54 17.78
C SER E 197 24.95 -12.77 18.47
N GLY E 198 25.11 -12.69 19.78
CA GLY E 198 25.67 -13.77 20.56
C GLY E 198 27.15 -13.68 20.81
N VAL E 199 27.86 -12.80 20.11
CA VAL E 199 29.30 -12.63 20.32
C VAL E 199 29.51 -11.56 21.37
N PRO E 200 30.50 -11.69 22.24
CA PRO E 200 30.67 -10.72 23.32
C PRO E 200 31.18 -9.38 22.81
N ASP E 201 31.17 -8.40 23.72
CA ASP E 201 31.65 -7.07 23.41
C ASP E 201 33.16 -7.01 23.24
N ARG E 202 33.87 -8.11 23.54
CA ARG E 202 35.32 -8.12 23.40
C ARG E 202 35.73 -7.87 21.94
N PHE E 203 35.05 -8.51 21.00
CA PHE E 203 35.42 -8.39 19.60
C PHE E 203 35.04 -7.01 19.07
N SER E 204 36.03 -6.30 18.53
CA SER E 204 35.77 -4.98 17.95
C SER E 204 36.85 -4.71 16.92
N GLY E 205 36.48 -4.76 15.65
CA GLY E 205 37.41 -4.52 14.56
C GLY E 205 36.97 -3.34 13.72
N SER E 206 37.94 -2.51 13.33
CA SER E 206 37.66 -1.35 12.49
C SER E 206 38.87 -1.10 11.61
N GLY E 207 38.63 -0.75 10.35
CA GLY E 207 39.69 -0.53 9.41
C GLY E 207 39.44 0.72 8.57
N SER E 208 40.31 0.91 7.59
CA SER E 208 40.20 2.05 6.68
C SER E 208 40.46 1.58 5.25
N GLY E 209 39.42 1.63 4.42
CA GLY E 209 39.57 1.30 3.02
C GLY E 209 40.00 -0.13 2.75
N THR E 210 41.24 -0.30 2.32
CA THR E 210 41.77 -1.62 1.99
C THR E 210 42.30 -2.36 3.23
N ALA E 211 42.97 -1.66 4.13
CA ALA E 211 43.46 -2.28 5.34
C ALA E 211 42.33 -2.56 6.32
N PHE E 212 42.43 -3.69 7.01
CA PHE E 212 41.42 -4.10 7.97
C PHE E 212 42.10 -4.67 9.19
N THR E 213 41.46 -4.52 10.35
CA THR E 213 41.95 -5.08 11.60
C THR E 213 40.79 -5.60 12.42
N LEU E 214 41.08 -6.57 13.27
CA LEU E 214 40.14 -7.03 14.30
C LEU E 214 40.91 -7.14 15.61
N THR E 215 40.34 -6.61 16.68
CA THR E 215 41.00 -6.55 17.98
C THR E 215 40.16 -7.28 19.02
N ILE E 216 40.82 -8.14 19.81
CA ILE E 216 40.19 -8.83 20.92
C ILE E 216 40.70 -8.19 22.20
N SER E 217 39.77 -7.68 23.02
CA SER E 217 40.17 -6.95 24.22
C SER E 217 40.92 -7.86 25.19
N ARG E 218 40.26 -8.90 25.69
CA ARG E 218 40.87 -9.83 26.64
C ARG E 218 40.44 -11.24 26.24
N LEU E 219 41.29 -11.93 25.48
CA LEU E 219 40.92 -13.23 24.96
C LEU E 219 41.02 -14.29 26.04
N GLU E 220 39.99 -15.11 26.16
CA GLU E 220 39.99 -16.28 27.02
C GLU E 220 40.35 -17.50 26.19
N ALA E 221 40.18 -18.69 26.78
CA ALA E 221 40.44 -19.92 26.04
C ALA E 221 39.36 -20.22 25.00
N GLU E 222 38.25 -19.48 25.02
CA GLU E 222 37.14 -19.78 24.11
C GLU E 222 37.40 -19.25 22.71
N ASP E 223 37.83 -17.99 22.59
CA ASP E 223 38.08 -17.39 21.27
C ASP E 223 39.47 -17.79 20.78
N VAL E 224 39.58 -19.07 20.42
CA VAL E 224 40.81 -19.65 19.89
C VAL E 224 40.47 -20.38 18.60
N GLY E 225 41.37 -20.31 17.64
CA GLY E 225 41.20 -21.00 16.38
C GLY E 225 41.73 -20.16 15.24
N VAL E 226 41.21 -20.44 14.04
CA VAL E 226 41.63 -19.76 12.83
C VAL E 226 40.54 -18.77 12.43
N TYR E 227 40.96 -17.56 12.07
CA TYR E 227 40.06 -16.47 11.72
C TYR E 227 40.10 -16.21 10.23
N TYR E 228 38.96 -15.81 9.67
CA TYR E 228 38.85 -15.57 8.25
C TYR E 228 38.12 -14.25 8.01
N CYS E 229 38.53 -13.54 6.97
CA CYS E 229 37.86 -12.33 6.52
C CYS E 229 37.54 -12.47 5.04
N MET E 230 36.30 -12.19 4.66
CA MET E 230 35.89 -12.31 3.28
C MET E 230 35.25 -11.02 2.81
N GLN E 231 35.31 -10.80 1.50
CA GLN E 231 34.71 -9.64 0.87
C GLN E 231 33.36 -10.02 0.28
N HIS E 232 32.43 -9.08 0.31
CA HIS E 232 31.11 -9.29 -0.27
C HIS E 232 30.80 -8.19 -1.28
N LEU E 233 31.81 -7.43 -1.71
CA LEU E 233 31.60 -6.36 -2.67
C LEU E 233 31.48 -6.90 -4.09
N GLU E 234 32.56 -7.51 -4.59
CA GLU E 234 32.50 -8.27 -5.82
C GLU E 234 32.12 -9.71 -5.48
N TYR E 235 31.14 -10.21 -6.22
CA TYR E 235 30.34 -11.30 -5.67
C TYR E 235 31.08 -12.64 -5.50
N PRO E 236 32.17 -12.94 -6.23
CA PRO E 236 32.88 -14.20 -5.96
C PRO E 236 33.20 -14.51 -4.49
N LEU E 237 33.12 -13.53 -3.58
CA LEU E 237 33.33 -13.74 -2.15
C LEU E 237 34.60 -14.56 -1.87
N THR E 238 35.73 -13.96 -2.20
CA THR E 238 37.01 -14.57 -1.91
C THR E 238 37.29 -14.47 -0.40
N PHE E 239 37.66 -15.59 0.19
CA PHE E 239 38.03 -15.63 1.60
C PHE E 239 39.49 -15.27 1.75
N GLY E 240 40.04 -15.46 2.94
CA GLY E 240 41.45 -15.30 3.19
C GLY E 240 42.03 -16.55 3.85
N ALA E 241 43.31 -16.46 4.17
CA ALA E 241 43.96 -17.52 4.92
C ALA E 241 43.44 -17.51 6.35
N GLY E 242 44.03 -18.35 7.20
CA GLY E 242 43.69 -18.39 8.61
C GLY E 242 44.79 -17.78 9.46
N THR E 243 44.39 -16.93 10.40
CA THR E 243 45.28 -16.40 11.43
C THR E 243 45.04 -17.23 12.69
N LYS E 244 45.76 -18.34 12.80
CA LYS E 244 45.60 -19.24 13.92
C LYS E 244 46.17 -18.63 15.19
N LEU E 245 45.40 -18.72 16.28
CA LEU E 245 45.83 -18.25 17.59
C LEU E 245 46.08 -19.45 18.49
N GLU E 246 47.21 -19.45 19.19
CA GLU E 246 47.56 -20.54 20.09
C GLU E 246 48.61 -20.05 21.07
N LEU E 247 48.67 -20.73 22.21
CA LEU E 247 49.65 -20.41 23.23
C LEU E 247 51.06 -20.76 22.77
C10 7ZQ F . -5.44 -0.82 -43.72
C11 7ZQ F . -4.58 -0.69 -42.46
C12 7ZQ F . -6.69 0.03 -43.57
C13 7ZQ F . -6.66 1.38 -43.88
C14 7ZQ F . -7.81 2.15 -43.75
C15 7ZQ F . -8.98 1.56 -43.31
C16 7ZQ F . -9.02 0.22 -43.01
C17 7ZQ F . -7.88 -0.55 -43.14
C1 7ZQ F . -6.26 -2.91 -52.04
C2 7ZQ F . -7.45 -2.54 -52.64
C3 7ZQ F . -8.15 -1.45 -52.18
C4 7ZQ F . -7.67 -0.73 -51.10
C5 7ZQ F . -6.48 -1.10 -50.50
C6 7ZQ F . -5.77 -2.19 -50.97
C7 7ZQ F . -5.95 -0.31 -49.31
C8 7ZQ F . -4.36 -0.14 -47.40
C9 7ZQ F . -5.16 -0.61 -46.18
N1 7ZQ F . -4.87 -0.88 -48.54
N2 7ZQ F . -4.67 -0.37 -44.85
O1 7ZQ F . -6.41 0.73 -49.02
O2 7ZQ F . -6.18 -1.18 -46.35
CL1 7ZQ F . -9.69 -0.98 -52.96
#